data_1N47
#
_entry.id   1N47
#
_cell.length_a   85.510
_cell.length_b   85.510
_cell.length_c   153.650
_cell.angle_alpha   90.00
_cell.angle_beta   90.00
_cell.angle_gamma   90.00
#
_symmetry.space_group_name_H-M   'P 43'
#
loop_
_entity.id
_entity.type
_entity.pdbx_description
1 polymer 'Isolectin B4'
2 branched alpha-L-fucopyranose-(1-3)-[2-acetamido-2-deoxy-beta-D-glucopyranose-(1-4)]2-acetamido-2-deoxy-beta-D-glucopyranose
3 non-polymer 'CALCIUM ION'
4 non-polymer 'MANGANESE (II) ION'
5 non-polymer SERINE
6 non-polymer 2-acetamido-2-deoxy-alpha-D-galactopyranose
7 water water
#
_entity_poly.entity_id   1
_entity_poly.type   'polypeptide(L)'
_entity_poly.pdbx_seq_one_letter_code
;TESTSFSFTNFNPNQNNLILQEDALVNSAGTLELTAVAAGAPVPDSLGRALYAAPIHIHDNTTLASFTTSFSFVMAAPAA
AAVADGLAFFLAPPDTQPQARGGFLGLFADRAHDASYQTVAVEFDTYSNAWDPNYTHIGIDTNGIESKKTTPFDMVYGEK
ANIVITYQASTKALAASLVFPVSQTSYAVSARVDLRDILPEYVRVGFSATTGLNAGVVETHDIVSWSFAVSLA
;
_entity_poly.pdbx_strand_id   A,B,C,D
#
# COMPACT_ATOMS: atom_id res chain seq x y z
N THR A 1 1.51 15.09 -6.83
CA THR A 1 1.06 13.74 -6.43
C THR A 1 -0.20 13.71 -5.55
N GLU A 2 -1.14 12.83 -5.91
CA GLU A 2 -2.29 12.52 -5.05
C GLU A 2 -2.76 11.10 -5.30
N SER A 3 -3.26 10.47 -4.26
CA SER A 3 -3.71 9.09 -4.36
C SER A 3 -5.07 8.92 -3.79
N THR A 4 -5.73 7.85 -4.20
CA THR A 4 -7.02 7.53 -3.63
C THR A 4 -7.17 6.02 -3.67
N SER A 5 -7.45 5.40 -2.54
CA SER A 5 -7.75 3.99 -2.58
C SER A 5 -8.78 3.56 -1.53
N PHE A 6 -9.43 2.45 -1.80
CA PHE A 6 -10.42 1.93 -0.90
C PHE A 6 -10.71 0.52 -1.32
N SER A 7 -11.24 -0.29 -0.41
CA SER A 7 -11.57 -1.68 -0.75
C SER A 7 -12.60 -2.24 0.19
N PHE A 8 -13.52 -3.02 -0.36
CA PHE A 8 -14.55 -3.63 0.45
C PHE A 8 -14.51 -5.11 0.20
N THR A 9 -14.35 -5.89 1.25
CA THR A 9 -14.39 -7.34 1.13
C THR A 9 -15.84 -7.79 1.25
N ASN A 10 -16.64 -6.96 1.89
CA ASN A 10 -18.06 -7.14 2.01
C ASN A 10 -18.67 -5.78 2.30
N PHE A 11 -19.98 -5.65 2.08
CA PHE A 11 -20.66 -4.39 2.32
C PHE A 11 -21.57 -4.48 3.55
N ASN A 12 -22.13 -3.34 3.95
CA ASN A 12 -23.07 -3.23 5.07
C ASN A 12 -24.32 -2.51 4.57
N PRO A 13 -25.49 -2.79 5.16
CA PRO A 13 -26.70 -2.09 4.74
C PRO A 13 -26.61 -0.58 4.96
N ASN A 14 -25.83 -0.14 5.93
CA ASN A 14 -25.70 1.31 6.13
C ASN A 14 -24.36 1.84 5.67
N GLN A 15 -23.94 1.42 4.48
CA GLN A 15 -22.67 1.89 3.93
C GLN A 15 -22.72 3.37 3.54
N ASN A 16 -22.43 4.22 4.52
CA ASN A 16 -22.45 5.67 4.35
C ASN A 16 -21.37 6.14 3.38
N ASN A 17 -20.36 5.32 3.10
CA ASN A 17 -19.32 5.78 2.21
C ASN A 17 -19.64 5.46 0.76
N LEU A 18 -20.81 4.89 0.54
CA LEU A 18 -21.30 4.63 -0.82
C LEU A 18 -22.53 5.46 -1.10
N ILE A 19 -22.71 5.84 -2.34
CA ILE A 19 -23.91 6.56 -2.75
C ILE A 19 -24.74 5.58 -3.57
N LEU A 20 -25.91 5.23 -3.03
CA LEU A 20 -26.82 4.27 -3.64
C LEU A 20 -27.95 4.97 -4.41
N GLN A 21 -28.19 4.59 -5.66
CA GLN A 21 -29.25 5.23 -6.45
C GLN A 21 -30.34 4.24 -6.94
N GLU A 22 -31.59 4.73 -7.02
CA GLU A 22 -32.76 3.91 -7.40
C GLU A 22 -32.91 2.66 -6.54
N ASP A 23 -32.89 1.49 -7.20
CA ASP A 23 -33.13 0.22 -6.52
C ASP A 23 -31.99 -0.39 -5.70
N ALA A 24 -30.75 0.03 -5.93
CA ALA A 24 -29.56 -0.49 -5.22
C ALA A 24 -29.69 -0.59 -3.70
N LEU A 25 -29.30 -1.73 -3.16
CA LEU A 25 -29.47 -2.03 -1.76
C LEU A 25 -28.45 -3.08 -1.31
N VAL A 26 -28.26 -3.23 0.00
CA VAL A 26 -27.33 -4.24 0.47
C VAL A 26 -28.06 -5.25 1.30
N ASN A 27 -27.86 -6.53 0.98
CA ASN A 27 -28.43 -7.69 1.66
C ASN A 27 -28.12 -7.78 3.11
N SER A 28 -28.76 -8.72 3.76
CA SER A 28 -28.43 -8.97 5.15
C SER A 28 -27.17 -9.84 5.16
N ALA A 29 -26.77 -10.30 3.99
CA ALA A 29 -25.59 -11.15 3.93
C ALA A 29 -24.33 -10.40 3.47
N GLY A 30 -24.47 -9.11 3.14
CA GLY A 30 -23.34 -8.32 2.74
C GLY A 30 -23.09 -8.27 1.24
N THR A 31 -24.13 -8.50 0.45
CA THR A 31 -24.00 -8.43 -0.98
C THR A 31 -24.78 -7.22 -1.45
N LEU A 32 -24.17 -6.52 -2.38
CA LEU A 32 -24.74 -5.34 -2.97
C LEU A 32 -25.60 -5.77 -4.15
N GLU A 33 -26.92 -5.83 -3.92
CA GLU A 33 -27.88 -6.20 -4.95
C GLU A 33 -28.16 -5.01 -5.83
N LEU A 34 -27.40 -4.83 -6.89
CA LEU A 34 -27.64 -3.66 -7.75
C LEU A 34 -29.08 -3.57 -8.21
N THR A 35 -29.65 -4.69 -8.69
CA THR A 35 -31.05 -4.74 -9.16
C THR A 35 -31.95 -5.52 -8.19
N ALA A 36 -33.24 -5.18 -8.16
CA ALA A 36 -34.20 -5.75 -7.19
C ALA A 36 -34.37 -7.27 -7.20
N VAL A 37 -34.47 -7.85 -6.02
CA VAL A 37 -34.65 -9.30 -5.84
C VAL A 37 -35.78 -9.58 -4.83
N ALA A 38 -36.97 -9.94 -5.34
CA ALA A 38 -38.17 -10.10 -4.49
C ALA A 38 -38.30 -11.40 -3.70
N ALA A 39 -38.73 -12.48 -4.33
CA ALA A 39 -38.85 -13.71 -3.56
C ALA A 39 -37.43 -14.11 -3.34
N GLY A 40 -36.81 -14.56 -4.41
CA GLY A 40 -35.41 -14.96 -4.43
C GLY A 40 -35.16 -14.95 -5.92
N ALA A 41 -35.96 -14.12 -6.57
CA ALA A 41 -35.96 -14.00 -8.01
C ALA A 41 -35.79 -12.55 -8.38
N PRO A 42 -35.14 -12.30 -9.51
CA PRO A 42 -34.94 -10.93 -10.02
C PRO A 42 -36.27 -10.27 -10.39
N VAL A 43 -36.29 -8.95 -10.38
CA VAL A 43 -37.51 -8.22 -10.72
C VAL A 43 -37.30 -7.46 -12.02
N PRO A 44 -38.32 -7.46 -12.87
CA PRO A 44 -38.24 -6.75 -14.16
C PRO A 44 -38.27 -5.27 -13.96
N ASP A 45 -37.88 -4.50 -14.96
CA ASP A 45 -37.99 -3.05 -14.88
C ASP A 45 -37.10 -2.39 -13.84
N SER A 46 -36.11 -3.10 -13.34
CA SER A 46 -35.32 -2.54 -12.25
C SER A 46 -34.08 -1.83 -12.72
N LEU A 47 -33.72 -0.75 -12.03
CA LEU A 47 -32.52 0.04 -12.33
C LEU A 47 -31.82 0.38 -11.01
N GLY A 48 -30.51 0.09 -10.94
CA GLY A 48 -29.69 0.33 -9.75
C GLY A 48 -28.26 0.83 -10.03
N ARG A 49 -27.82 1.78 -9.22
CA ARG A 49 -26.46 2.33 -9.32
C ARG A 49 -25.84 2.51 -7.93
N ALA A 50 -24.52 2.48 -7.89
CA ALA A 50 -23.75 2.62 -6.64
C ALA A 50 -22.39 3.26 -6.90
N LEU A 51 -22.11 4.38 -6.21
CA LEU A 51 -20.85 5.06 -6.43
C LEU A 51 -20.07 5.24 -5.15
N TYR A 52 -18.77 5.48 -5.29
CA TYR A 52 -17.99 5.72 -4.10
C TYR A 52 -18.22 7.20 -3.76
N ALA A 53 -18.36 7.50 -2.48
CA ALA A 53 -18.62 8.89 -2.07
C ALA A 53 -17.65 9.95 -2.59
N ALA A 54 -16.35 9.76 -2.40
CA ALA A 54 -15.38 10.77 -2.86
C ALA A 54 -15.14 10.74 -4.35
N PRO A 55 -15.24 11.90 -4.97
CA PRO A 55 -14.84 12.06 -6.36
C PRO A 55 -13.39 11.63 -6.50
N ILE A 56 -12.92 11.15 -7.64
CA ILE A 56 -11.49 10.88 -7.74
C ILE A 56 -10.87 11.79 -8.81
N HIS A 57 -9.63 12.22 -8.59
CA HIS A 57 -8.96 13.15 -9.50
C HIS A 57 -8.22 12.35 -10.54
N ILE A 58 -8.75 12.37 -11.76
CA ILE A 58 -8.29 11.51 -12.83
C ILE A 58 -7.35 12.20 -13.79
N HIS A 59 -7.37 13.53 -13.79
CA HIS A 59 -6.41 14.30 -14.59
C HIS A 59 -6.36 15.75 -14.15
N ASP A 60 -5.28 16.45 -14.52
CA ASP A 60 -5.19 17.88 -14.24
C ASP A 60 -4.87 18.64 -15.51
N ASN A 61 -5.58 18.28 -16.57
CA ASN A 61 -5.42 18.95 -17.86
C ASN A 61 -4.21 18.46 -18.61
N THR A 62 -3.06 18.39 -17.94
CA THR A 62 -1.91 17.93 -18.71
C THR A 62 -1.45 16.54 -18.33
N THR A 63 -1.54 16.20 -17.06
CA THR A 63 -1.13 14.87 -16.68
C THR A 63 -2.32 13.96 -16.37
N LEU A 64 -2.21 12.71 -16.80
CA LEU A 64 -3.27 11.73 -16.57
C LEU A 64 -2.96 10.90 -15.35
N ALA A 65 -3.99 10.38 -14.70
CA ALA A 65 -3.77 9.51 -13.55
C ALA A 65 -3.70 8.06 -14.03
N SER A 66 -3.15 7.18 -13.20
CA SER A 66 -3.26 5.75 -13.47
C SER A 66 -4.29 5.17 -12.51
N PHE A 67 -4.95 4.08 -12.89
CA PHE A 67 -5.86 3.45 -11.92
C PHE A 67 -6.03 1.98 -12.17
N THR A 68 -6.35 1.29 -11.09
CA THR A 68 -6.60 -0.14 -11.12
C THR A 68 -7.80 -0.46 -10.24
N THR A 69 -8.76 -1.23 -10.74
CA THR A 69 -9.89 -1.62 -9.90
C THR A 69 -10.13 -3.11 -10.01
N SER A 70 -10.50 -3.75 -8.92
CA SER A 70 -10.85 -5.16 -9.01
C SER A 70 -12.21 -5.37 -8.37
N PHE A 71 -13.07 -6.10 -9.05
CA PHE A 71 -14.30 -6.47 -8.42
C PHE A 71 -14.72 -7.88 -8.81
N SER A 72 -15.63 -8.40 -8.00
CA SER A 72 -16.23 -9.70 -8.22
C SER A 72 -17.75 -9.54 -8.27
N PHE A 73 -18.40 -10.23 -9.19
CA PHE A 73 -19.86 -10.26 -9.25
C PHE A 73 -20.40 -11.67 -9.49
N VAL A 74 -21.71 -11.78 -9.35
CA VAL A 74 -22.44 -13.00 -9.60
C VAL A 74 -23.76 -12.64 -10.24
N MET A 75 -24.11 -13.31 -11.32
CA MET A 75 -25.43 -13.13 -11.93
C MET A 75 -26.20 -14.44 -11.81
N ALA A 76 -27.42 -14.38 -11.28
CA ALA A 76 -28.25 -15.58 -11.21
C ALA A 76 -29.47 -15.39 -12.10
N ALA A 77 -29.96 -16.47 -12.66
CA ALA A 77 -31.11 -16.38 -13.55
C ALA A 77 -31.97 -17.62 -13.38
N PRO A 78 -33.27 -17.42 -13.35
CA PRO A 78 -34.19 -18.55 -13.28
C PRO A 78 -34.07 -19.36 -14.57
N ALA A 79 -33.95 -18.69 -15.72
CA ALA A 79 -33.85 -19.38 -17.01
C ALA A 79 -32.75 -18.82 -17.93
N ALA A 80 -31.64 -19.55 -18.00
CA ALA A 80 -30.40 -19.17 -18.71
C ALA A 80 -30.51 -18.52 -20.10
N ALA A 81 -31.69 -18.57 -20.72
CA ALA A 81 -31.84 -18.05 -22.09
C ALA A 81 -32.92 -16.98 -22.21
N ALA A 82 -33.23 -16.37 -21.07
CA ALA A 82 -34.22 -15.32 -21.00
C ALA A 82 -33.65 -14.49 -19.86
N VAL A 83 -32.66 -13.68 -20.24
CA VAL A 83 -31.85 -12.91 -19.32
C VAL A 83 -31.56 -11.51 -19.88
N ALA A 84 -31.51 -10.49 -19.02
CA ALA A 84 -31.20 -9.10 -19.43
C ALA A 84 -31.08 -8.23 -18.19
N ASP A 85 -30.43 -7.05 -18.25
CA ASP A 85 -29.79 -6.54 -19.47
C ASP A 85 -28.27 -6.43 -19.36
N GLY A 86 -27.68 -6.70 -18.19
CA GLY A 86 -26.24 -6.57 -17.97
C GLY A 86 -25.83 -5.56 -16.89
N LEU A 87 -24.53 -5.53 -16.57
CA LEU A 87 -24.04 -4.59 -15.57
C LEU A 87 -22.82 -3.86 -16.09
N ALA A 88 -22.47 -2.72 -15.49
CA ALA A 88 -21.33 -1.97 -15.99
C ALA A 88 -20.58 -1.22 -14.92
N PHE A 89 -19.27 -1.05 -15.13
CA PHE A 89 -18.47 -0.27 -14.21
C PHE A 89 -18.24 1.04 -14.97
N PHE A 90 -18.26 2.19 -14.28
CA PHE A 90 -18.07 3.42 -15.04
C PHE A 90 -17.48 4.61 -14.30
N LEU A 91 -17.05 5.58 -15.08
CA LEU A 91 -16.57 6.84 -14.55
C LEU A 91 -17.49 7.91 -15.17
N ALA A 92 -17.86 8.91 -14.37
CA ALA A 92 -18.71 10.00 -14.85
C ALA A 92 -18.58 11.21 -13.95
N PRO A 93 -19.12 12.35 -14.38
CA PRO A 93 -19.02 13.56 -13.55
C PRO A 93 -19.62 13.28 -12.18
N PRO A 94 -19.14 13.98 -11.18
CA PRO A 94 -19.57 13.74 -9.79
C PRO A 94 -21.07 13.76 -9.54
N ASP A 95 -21.81 14.56 -10.28
CA ASP A 95 -23.22 14.68 -9.99
C ASP A 95 -24.05 13.83 -10.95
N THR A 96 -23.43 12.79 -11.51
CA THR A 96 -24.13 11.91 -12.44
C THR A 96 -25.44 11.37 -11.87
N GLN A 97 -26.48 11.34 -12.71
CA GLN A 97 -27.75 10.79 -12.29
C GLN A 97 -28.11 9.66 -13.21
N PRO A 98 -28.92 8.71 -12.73
CA PRO A 98 -29.43 7.60 -13.54
C PRO A 98 -30.15 8.04 -14.83
N GLN A 99 -30.07 7.24 -15.89
CA GLN A 99 -30.73 7.57 -17.13
C GLN A 99 -31.76 6.50 -17.47
N ALA A 100 -31.90 6.14 -18.74
CA ALA A 100 -32.93 5.18 -19.13
C ALA A 100 -32.64 3.76 -18.69
N ARG A 101 -33.67 3.00 -18.35
CA ARG A 101 -33.43 1.63 -17.95
C ARG A 101 -33.39 0.71 -19.17
N GLY A 102 -33.60 -0.59 -18.95
CA GLY A 102 -33.54 -1.55 -20.04
C GLY A 102 -32.14 -1.67 -20.61
N GLY A 103 -32.03 -1.58 -21.93
CA GLY A 103 -30.75 -1.75 -22.59
C GLY A 103 -29.76 -0.61 -22.50
N PHE A 104 -30.12 0.45 -21.78
CA PHE A 104 -29.20 1.58 -21.60
C PHE A 104 -28.44 1.46 -20.27
N LEU A 105 -28.74 0.41 -19.53
CA LEU A 105 -28.05 0.14 -18.27
C LEU A 105 -27.99 1.35 -17.32
N GLY A 106 -28.81 2.37 -17.58
CA GLY A 106 -28.90 3.53 -16.73
C GLY A 106 -27.81 4.56 -16.93
N LEU A 107 -27.15 4.51 -18.10
CA LEU A 107 -26.06 5.43 -18.42
C LEU A 107 -26.38 6.40 -19.56
N PHE A 108 -27.30 6.03 -20.44
CA PHE A 108 -27.61 6.87 -21.58
C PHE A 108 -29.12 7.00 -21.77
N ALA A 109 -29.54 8.05 -22.48
CA ALA A 109 -30.97 8.35 -22.67
C ALA A 109 -31.50 7.79 -23.99
N ASP A 110 -30.68 7.88 -25.04
CA ASP A 110 -31.06 7.32 -26.33
C ASP A 110 -29.83 6.66 -26.91
N ARG A 111 -29.69 6.64 -28.21
CA ARG A 111 -28.55 5.93 -28.76
C ARG A 111 -27.60 6.80 -29.54
N ALA A 112 -27.69 8.11 -29.38
CA ALA A 112 -26.74 8.95 -30.07
C ALA A 112 -25.41 8.98 -29.30
N HIS A 113 -24.38 9.51 -29.94
CA HIS A 113 -23.09 9.56 -29.30
C HIS A 113 -22.83 11.00 -28.92
N ASP A 114 -23.39 11.44 -27.78
CA ASP A 114 -23.21 12.84 -27.36
C ASP A 114 -22.04 13.06 -26.40
N ALA A 115 -21.14 13.95 -26.78
CA ALA A 115 -19.93 14.23 -26.00
C ALA A 115 -20.24 14.87 -24.65
N SER A 116 -21.46 15.33 -24.45
CA SER A 116 -21.80 15.97 -23.18
C SER A 116 -22.11 14.92 -22.11
N TYR A 117 -22.00 13.65 -22.49
CA TYR A 117 -22.23 12.58 -21.51
C TYR A 117 -21.07 12.48 -20.53
N GLN A 118 -19.88 12.71 -21.04
CA GLN A 118 -18.66 12.62 -20.24
C GLN A 118 -18.68 11.35 -19.41
N THR A 119 -18.85 10.22 -20.08
CA THR A 119 -19.00 8.95 -19.40
C THR A 119 -18.20 7.88 -20.07
N VAL A 120 -17.41 7.12 -19.30
CA VAL A 120 -16.69 6.00 -19.87
C VAL A 120 -17.14 4.80 -19.11
N ALA A 121 -17.38 3.70 -19.82
CA ALA A 121 -17.92 2.50 -19.20
C ALA A 121 -17.43 1.21 -19.86
N VAL A 122 -17.36 0.14 -19.07
CA VAL A 122 -17.01 -1.18 -19.54
C VAL A 122 -18.17 -2.05 -19.15
N GLU A 123 -18.90 -2.55 -20.14
CA GLU A 123 -20.11 -3.30 -19.88
C GLU A 123 -19.90 -4.77 -20.08
N PHE A 124 -20.71 -5.52 -19.37
CA PHE A 124 -20.86 -6.95 -19.53
C PHE A 124 -22.34 -7.10 -19.95
N ASP A 125 -22.55 -7.16 -21.26
CA ASP A 125 -23.87 -7.07 -21.89
C ASP A 125 -24.55 -8.44 -22.12
N THR A 126 -25.73 -8.66 -21.53
CA THR A 126 -26.38 -9.97 -21.65
C THR A 126 -27.60 -10.09 -22.57
N TYR A 127 -27.90 -9.04 -23.34
CA TYR A 127 -29.07 -9.11 -24.23
C TYR A 127 -28.87 -8.27 -25.47
N SER A 128 -29.04 -8.88 -26.64
CA SER A 128 -28.77 -8.16 -27.85
C SER A 128 -29.87 -7.21 -28.25
N ASN A 129 -29.52 -5.93 -28.25
CA ASN A 129 -30.37 -4.84 -28.71
C ASN A 129 -29.99 -4.56 -30.14
N ALA A 130 -30.59 -3.54 -30.74
CA ALA A 130 -30.40 -3.25 -32.15
C ALA A 130 -28.99 -2.79 -32.43
N TRP A 131 -28.38 -2.13 -31.46
CA TRP A 131 -27.03 -1.57 -31.62
C TRP A 131 -25.92 -2.58 -31.26
N ASP A 132 -26.33 -3.75 -30.81
CA ASP A 132 -25.40 -4.78 -30.35
C ASP A 132 -25.12 -5.89 -31.36
N PRO A 133 -24.07 -6.65 -31.09
CA PRO A 133 -23.78 -7.89 -31.83
C PRO A 133 -24.74 -8.94 -31.34
N ASN A 134 -24.87 -10.06 -32.05
CA ASN A 134 -25.81 -11.09 -31.66
C ASN A 134 -25.25 -12.05 -30.65
N TYR A 135 -24.47 -11.56 -29.69
CA TYR A 135 -23.95 -12.45 -28.65
C TYR A 135 -23.66 -11.69 -27.38
N THR A 136 -23.61 -12.44 -26.27
CA THR A 136 -23.24 -11.88 -24.99
C THR A 136 -21.84 -11.35 -25.21
N HIS A 137 -21.54 -10.18 -24.66
CA HIS A 137 -20.25 -9.56 -24.91
C HIS A 137 -19.82 -8.53 -23.91
N ILE A 138 -18.52 -8.25 -23.93
CA ILE A 138 -17.92 -7.19 -23.15
C ILE A 138 -17.70 -6.08 -24.13
N GLY A 139 -18.05 -4.86 -23.75
CA GLY A 139 -17.90 -3.73 -24.66
C GLY A 139 -17.36 -2.52 -23.93
N ILE A 140 -16.74 -1.63 -24.70
CA ILE A 140 -16.14 -0.43 -24.13
C ILE A 140 -16.91 0.79 -24.61
N ASP A 141 -17.74 1.31 -23.72
CA ASP A 141 -18.56 2.45 -24.06
C ASP A 141 -17.88 3.77 -23.79
N THR A 142 -17.71 4.62 -24.82
CA THR A 142 -17.18 5.97 -24.67
C THR A 142 -18.22 7.01 -25.08
N ASN A 143 -19.09 7.47 -24.20
CA ASN A 143 -20.08 8.51 -24.54
C ASN A 143 -21.27 8.01 -25.36
N GLY A 144 -21.60 6.73 -25.23
CA GLY A 144 -22.72 6.14 -25.94
C GLY A 144 -22.88 4.66 -25.63
N ILE A 145 -24.08 4.12 -25.85
CA ILE A 145 -24.39 2.70 -25.62
C ILE A 145 -23.85 1.80 -26.74
N GLU A 146 -23.47 2.40 -27.87
CA GLU A 146 -22.95 1.68 -29.02
C GLU A 146 -21.46 1.60 -28.84
N SER A 147 -21.00 0.48 -28.26
CA SER A 147 -19.59 0.32 -27.90
C SER A 147 -18.61 0.63 -29.00
N LYS A 148 -17.47 1.18 -28.60
CA LYS A 148 -16.42 1.53 -29.54
C LYS A 148 -15.66 0.24 -29.88
N LYS A 149 -15.71 -0.74 -28.98
CA LYS A 149 -15.11 -2.05 -29.25
C LYS A 149 -15.76 -3.13 -28.37
N THR A 150 -15.96 -4.32 -28.91
CA THR A 150 -16.50 -5.42 -28.13
C THR A 150 -15.75 -6.72 -28.44
N THR A 151 -15.89 -7.70 -27.54
CA THR A 151 -15.44 -9.08 -27.76
C THR A 151 -16.51 -9.96 -27.16
N PRO A 152 -16.66 -11.17 -27.73
CA PRO A 152 -17.61 -12.16 -27.25
C PRO A 152 -17.15 -12.74 -25.95
N PHE A 153 -18.08 -13.25 -25.15
CA PHE A 153 -17.73 -13.99 -23.94
C PHE A 153 -18.93 -14.80 -23.53
N ASP A 154 -18.70 -15.98 -22.94
CA ASP A 154 -19.82 -16.81 -22.48
C ASP A 154 -20.02 -16.71 -20.97
N MET A 155 -21.20 -16.27 -20.58
CA MET A 155 -21.54 -16.13 -19.18
C MET A 155 -21.60 -17.50 -18.50
N VAL A 156 -21.53 -17.50 -17.18
CA VAL A 156 -21.67 -18.71 -16.40
C VAL A 156 -22.46 -18.29 -15.19
N TYR A 157 -23.76 -18.46 -15.25
CA TYR A 157 -24.62 -18.08 -14.15
C TYR A 157 -24.29 -18.87 -12.90
N GLY A 158 -24.38 -18.25 -11.73
CA GLY A 158 -24.10 -18.96 -10.50
C GLY A 158 -22.62 -18.93 -10.08
N GLU A 159 -21.72 -18.63 -11.00
CA GLU A 159 -20.30 -18.59 -10.62
C GLU A 159 -19.79 -17.15 -10.41
N LYS A 160 -19.08 -16.94 -9.29
CA LYS A 160 -18.47 -15.67 -8.95
C LYS A 160 -17.36 -15.34 -9.92
N ALA A 161 -17.42 -14.18 -10.55
CA ALA A 161 -16.38 -13.81 -11.50
C ALA A 161 -15.44 -12.73 -10.95
N ASN A 162 -14.23 -12.65 -11.51
CA ASN A 162 -13.26 -11.65 -11.13
C ASN A 162 -12.99 -10.73 -12.29
N ILE A 163 -13.17 -9.43 -12.11
CA ILE A 163 -12.85 -8.45 -13.15
C ILE A 163 -11.70 -7.60 -12.69
N VAL A 164 -10.84 -7.19 -13.61
CA VAL A 164 -9.70 -6.32 -13.32
C VAL A 164 -9.58 -5.28 -14.42
N ILE A 165 -9.72 -4.00 -14.11
CA ILE A 165 -9.59 -3.00 -15.18
C ILE A 165 -8.35 -2.16 -14.89
N THR A 166 -7.39 -2.06 -15.78
CA THR A 166 -6.29 -1.12 -15.49
C THR A 166 -6.06 -0.02 -16.52
N TYR A 167 -5.89 1.22 -16.06
CA TYR A 167 -5.59 2.33 -16.94
C TYR A 167 -4.18 2.76 -16.71
N GLN A 168 -3.42 2.91 -17.80
CA GLN A 168 -2.03 3.33 -17.72
C GLN A 168 -1.81 4.62 -18.48
N ALA A 169 -1.34 5.63 -17.76
CA ALA A 169 -1.15 6.99 -18.27
C ALA A 169 -0.20 7.14 -19.45
N SER A 170 0.98 6.55 -19.31
CA SER A 170 1.98 6.72 -20.34
C SER A 170 1.48 6.28 -21.71
N THR A 171 0.70 5.22 -21.77
CA THR A 171 0.24 4.74 -23.08
C THR A 171 -1.22 5.06 -23.30
N LYS A 172 -1.89 5.57 -22.28
CA LYS A 172 -3.29 5.88 -22.42
C LYS A 172 -4.07 4.61 -22.78
N ALA A 173 -3.72 3.50 -22.13
CA ALA A 173 -4.35 2.21 -22.37
C ALA A 173 -5.41 1.85 -21.30
N LEU A 174 -6.62 1.50 -21.74
CA LEU A 174 -7.65 0.98 -20.84
C LEU A 174 -7.77 -0.49 -21.17
N ALA A 175 -7.72 -1.36 -20.18
CA ALA A 175 -7.68 -2.79 -20.48
C ALA A 175 -8.56 -3.58 -19.52
N ALA A 176 -9.40 -4.47 -20.02
CA ALA A 176 -10.23 -5.22 -19.11
C ALA A 176 -9.95 -6.67 -19.24
N SER A 177 -10.20 -7.40 -18.15
CA SER A 177 -10.08 -8.83 -18.17
C SER A 177 -11.11 -9.43 -17.24
N LEU A 178 -11.64 -10.58 -17.63
CA LEU A 178 -12.64 -11.21 -16.83
C LEU A 178 -12.27 -12.66 -16.67
N VAL A 179 -12.35 -13.16 -15.44
CA VAL A 179 -12.00 -14.56 -15.17
C VAL A 179 -13.10 -15.31 -14.44
N PHE A 180 -13.43 -16.50 -14.95
CA PHE A 180 -14.34 -17.43 -14.30
C PHE A 180 -13.42 -18.56 -13.77
N PRO A 181 -12.84 -18.28 -12.61
CA PRO A 181 -11.94 -19.15 -11.85
C PRO A 181 -12.20 -20.62 -11.73
N VAL A 182 -13.40 -21.02 -11.30
CA VAL A 182 -13.70 -22.42 -11.16
C VAL A 182 -13.86 -23.05 -12.54
N SER A 183 -14.50 -22.34 -13.46
CA SER A 183 -14.68 -22.86 -14.80
C SER A 183 -13.41 -22.70 -15.59
N GLN A 184 -12.46 -21.98 -15.05
CA GLN A 184 -11.18 -21.79 -15.74
C GLN A 184 -11.26 -21.22 -17.17
N THR A 185 -12.15 -20.27 -17.43
CA THR A 185 -12.13 -19.56 -18.72
C THR A 185 -11.88 -18.05 -18.49
N SER A 186 -11.14 -17.40 -19.38
CA SER A 186 -10.85 -15.96 -19.21
C SER A 186 -10.90 -15.24 -20.54
N TYR A 187 -11.21 -13.94 -20.46
CA TYR A 187 -11.37 -13.09 -21.64
C TYR A 187 -10.71 -11.74 -21.40
N ALA A 188 -10.27 -11.06 -22.47
CA ALA A 188 -9.53 -9.80 -22.32
C ALA A 188 -9.78 -8.81 -23.46
N VAL A 189 -9.71 -7.49 -23.16
CA VAL A 189 -9.84 -6.44 -24.16
C VAL A 189 -9.08 -5.20 -23.76
N SER A 190 -8.61 -4.50 -24.78
CA SER A 190 -7.84 -3.31 -24.53
C SER A 190 -8.08 -2.28 -25.61
N ALA A 191 -8.03 -1.01 -25.25
CA ALA A 191 -8.15 0.06 -26.22
C ALA A 191 -7.46 1.29 -25.69
N ARG A 192 -7.12 2.18 -26.62
CA ARG A 192 -6.40 3.41 -26.33
C ARG A 192 -7.35 4.61 -26.33
N VAL A 193 -7.41 5.32 -25.20
CA VAL A 193 -8.29 6.44 -25.04
C VAL A 193 -7.72 7.45 -24.06
N ASP A 194 -7.58 8.68 -24.55
CA ASP A 194 -7.07 9.81 -23.80
C ASP A 194 -8.20 10.40 -22.99
N LEU A 195 -8.20 10.18 -21.68
CA LEU A 195 -9.31 10.63 -20.83
C LEU A 195 -9.37 12.17 -20.65
N ARG A 196 -8.30 12.87 -21.01
CA ARG A 196 -8.36 14.31 -20.93
C ARG A 196 -9.46 14.88 -21.84
N ASP A 197 -9.71 14.26 -23.00
CA ASP A 197 -10.71 14.77 -23.93
C ASP A 197 -12.16 14.37 -23.59
N ILE A 198 -12.32 13.38 -22.72
CA ILE A 198 -13.64 12.83 -22.46
C ILE A 198 -14.19 13.23 -21.10
N LEU A 199 -13.37 13.08 -20.08
CA LEU A 199 -13.78 13.27 -18.72
C LEU A 199 -13.30 14.60 -18.16
N PRO A 200 -14.02 15.08 -17.17
CA PRO A 200 -13.65 16.31 -16.45
C PRO A 200 -12.53 15.96 -15.48
N GLU A 201 -11.94 16.95 -14.80
CA GLU A 201 -10.85 16.71 -13.84
C GLU A 201 -11.19 15.73 -12.71
N TYR A 202 -12.41 15.83 -12.18
CA TYR A 202 -12.82 14.98 -11.08
C TYR A 202 -14.07 14.16 -11.47
N VAL A 203 -14.06 12.85 -11.19
CA VAL A 203 -15.17 11.98 -11.58
C VAL A 203 -15.53 11.05 -10.44
N ARG A 204 -16.72 10.47 -10.51
CA ARG A 204 -17.08 9.47 -9.52
C ARG A 204 -16.99 8.11 -10.19
N VAL A 205 -16.78 7.06 -9.40
CA VAL A 205 -16.75 5.75 -10.03
C VAL A 205 -17.76 4.82 -9.40
N GLY A 206 -18.22 3.84 -10.18
CA GLY A 206 -19.21 2.88 -9.69
C GLY A 206 -19.80 1.91 -10.70
N PHE A 207 -20.88 1.26 -10.28
CA PHE A 207 -21.52 0.23 -11.09
C PHE A 207 -22.96 0.59 -11.33
N SER A 208 -23.47 0.15 -12.50
CA SER A 208 -24.87 0.25 -12.87
C SER A 208 -25.43 -1.02 -13.53
N ALA A 209 -26.67 -1.35 -13.27
CA ALA A 209 -27.24 -2.55 -13.87
C ALA A 209 -28.75 -2.45 -13.97
N THR A 210 -29.33 -3.15 -14.94
CA THR A 210 -30.77 -3.18 -15.18
C THR A 210 -31.27 -4.54 -15.52
N THR A 211 -32.53 -4.79 -15.21
CA THR A 211 -33.18 -6.03 -15.63
C THR A 211 -33.97 -5.78 -16.90
N GLY A 212 -34.55 -6.85 -17.44
CA GLY A 212 -35.34 -6.75 -18.66
C GLY A 212 -36.64 -6.00 -18.52
N LEU A 213 -37.03 -5.33 -19.62
CA LEU A 213 -38.29 -4.58 -19.68
C LEU A 213 -39.50 -5.51 -19.77
N ASN A 214 -39.30 -6.78 -20.08
CA ASN A 214 -40.44 -7.69 -20.18
C ASN A 214 -40.48 -8.78 -19.13
N ALA A 215 -41.69 -9.13 -18.73
CA ALA A 215 -41.85 -10.13 -17.69
C ALA A 215 -41.05 -11.40 -18.07
N GLY A 216 -40.33 -11.94 -17.08
CA GLY A 216 -39.54 -13.16 -17.25
C GLY A 216 -38.22 -13.12 -18.02
N VAL A 217 -37.75 -11.93 -18.36
CA VAL A 217 -36.57 -11.78 -19.20
C VAL A 217 -35.50 -11.09 -18.36
N VAL A 218 -35.07 -11.81 -17.32
CA VAL A 218 -34.43 -11.20 -16.16
C VAL A 218 -33.22 -11.96 -15.54
N GLU A 219 -32.49 -11.32 -14.63
CA GLU A 219 -31.32 -11.89 -13.94
C GLU A 219 -30.88 -10.94 -12.81
N THR A 220 -30.26 -11.47 -11.77
CA THR A 220 -29.72 -10.62 -10.72
C THR A 220 -28.38 -10.03 -11.15
N HIS A 221 -27.92 -9.02 -10.40
CA HIS A 221 -26.65 -8.35 -10.69
C HIS A 221 -26.02 -8.00 -9.35
N ASP A 222 -25.33 -8.95 -8.72
CA ASP A 222 -24.76 -8.75 -7.38
C ASP A 222 -23.26 -8.45 -7.27
N ILE A 223 -22.90 -7.47 -6.45
CA ILE A 223 -21.49 -7.18 -6.25
C ILE A 223 -21.07 -7.75 -4.90
N VAL A 224 -19.97 -8.48 -4.94
CA VAL A 224 -19.51 -9.19 -3.78
C VAL A 224 -18.33 -8.51 -3.12
N SER A 225 -17.44 -7.92 -3.92
CA SER A 225 -16.22 -7.30 -3.40
C SER A 225 -15.73 -6.28 -4.40
N TRP A 226 -15.03 -5.26 -3.91
CA TRP A 226 -14.62 -4.15 -4.79
C TRP A 226 -13.37 -3.45 -4.25
N SER A 227 -12.45 -3.17 -5.14
CA SER A 227 -11.22 -2.55 -4.70
C SER A 227 -10.77 -1.55 -5.75
N PHE A 228 -10.19 -0.42 -5.33
CA PHE A 228 -9.84 0.66 -6.26
C PHE A 228 -8.62 1.46 -5.83
N ALA A 229 -7.75 1.81 -6.78
CA ALA A 229 -6.55 2.61 -6.50
C ALA A 229 -6.13 3.57 -7.65
N VAL A 230 -5.84 4.83 -7.32
CA VAL A 230 -5.42 5.81 -8.34
C VAL A 230 -4.15 6.55 -7.96
N SER A 231 -3.41 7.01 -8.96
CA SER A 231 -2.18 7.74 -8.69
C SER A 231 -2.03 8.77 -9.76
N LEU A 232 -1.86 10.01 -9.36
CA LEU A 232 -1.59 11.06 -10.31
C LEU A 232 -0.25 11.66 -9.94
N ALA A 233 0.82 11.20 -10.59
CA ALA A 233 2.17 11.69 -10.34
C ALA A 233 2.35 13.11 -10.91
N THR B 1 -14.14 -6.95 5.61
CA THR B 1 -12.98 -6.02 5.68
C THR B 1 -13.18 -4.79 4.83
N GLU B 2 -12.58 -3.70 5.29
CA GLU B 2 -12.79 -2.39 4.71
C GLU B 2 -11.56 -1.50 4.91
N SER B 3 -11.30 -0.64 3.95
CA SER B 3 -10.10 0.14 4.09
C SER B 3 -10.29 1.44 3.38
N THR B 4 -9.67 2.50 3.83
CA THR B 4 -9.81 3.74 3.07
C THR B 4 -8.48 4.42 3.10
N SER B 5 -7.86 4.71 1.97
CA SER B 5 -6.64 5.50 2.08
C SER B 5 -6.61 6.67 1.09
N PHE B 6 -5.78 7.67 1.37
CA PHE B 6 -5.65 8.84 0.49
C PHE B 6 -4.43 9.65 0.86
N SER B 7 -3.87 10.36 -0.09
CA SER B 7 -2.71 11.19 0.22
C SER B 7 -2.58 12.39 -0.72
N PHE B 8 -2.11 13.51 -0.17
CA PHE B 8 -1.84 14.75 -0.88
C PHE B 8 -0.42 15.29 -0.66
N THR B 9 0.31 15.51 -1.74
CA THR B 9 1.65 16.13 -1.70
C THR B 9 1.52 17.66 -1.92
N ASN B 10 0.41 18.08 -2.54
CA ASN B 10 0.01 19.48 -2.65
C ASN B 10 -1.44 19.55 -3.07
N PHE B 11 -2.13 20.64 -2.76
CA PHE B 11 -3.54 20.75 -3.10
C PHE B 11 -3.78 21.63 -4.30
N ASN B 12 -4.99 21.55 -4.85
CA ASN B 12 -5.37 22.38 -5.97
C ASN B 12 -6.48 23.30 -5.57
N PRO B 13 -6.57 24.46 -6.22
CA PRO B 13 -7.66 25.41 -5.99
C PRO B 13 -9.00 24.81 -6.27
N ASN B 14 -9.10 23.77 -7.05
CA ASN B 14 -10.42 23.18 -7.25
C ASN B 14 -10.52 21.73 -6.75
N GLN B 15 -9.98 21.46 -5.56
CA GLN B 15 -9.95 20.14 -4.94
C GLN B 15 -11.35 19.60 -4.66
N ASN B 16 -11.99 19.06 -5.68
CA ASN B 16 -13.36 18.59 -5.56
C ASN B 16 -13.49 17.50 -4.50
N ASN B 17 -12.39 16.85 -4.14
CA ASN B 17 -12.52 15.82 -3.12
C ASN B 17 -12.25 16.34 -1.72
N LEU B 18 -12.18 17.65 -1.56
CA LEU B 18 -12.09 18.26 -0.24
C LEU B 18 -13.32 19.13 -0.01
N ILE B 19 -13.80 19.14 1.22
CA ILE B 19 -14.93 19.98 1.61
C ILE B 19 -14.38 21.16 2.41
N LEU B 20 -14.49 22.36 1.83
CA LEU B 20 -13.95 23.57 2.44
C LEU B 20 -15.10 24.35 3.09
N GLN B 21 -14.92 24.73 4.35
CA GLN B 21 -15.93 25.48 5.08
C GLN B 21 -15.35 26.83 5.53
N GLU B 22 -16.21 27.85 5.61
CA GLU B 22 -15.84 29.22 5.97
C GLU B 22 -14.70 29.81 5.15
N ASP B 23 -13.62 30.18 5.81
CA ASP B 23 -12.55 30.84 5.07
C ASP B 23 -11.50 29.93 4.47
N ALA B 24 -11.54 28.63 4.74
CA ALA B 24 -10.48 27.79 4.18
C ALA B 24 -10.35 27.95 2.65
N LEU B 25 -9.14 27.82 2.15
CA LEU B 25 -8.92 27.96 0.73
C LEU B 25 -7.51 27.55 0.39
N VAL B 26 -7.27 27.18 -0.86
CA VAL B 26 -5.97 26.73 -1.29
C VAL B 26 -5.27 27.78 -2.15
N ASN B 27 -4.03 28.04 -1.80
CA ASN B 27 -3.17 29.00 -2.49
C ASN B 27 -3.02 28.74 -3.94
N SER B 28 -2.38 29.69 -4.61
CA SER B 28 -1.97 29.52 -5.98
C SER B 28 -0.62 28.83 -5.90
N ALA B 29 -0.22 28.46 -4.69
CA ALA B 29 1.06 27.79 -4.53
C ALA B 29 0.89 26.32 -4.14
N GLY B 30 -0.35 25.90 -3.89
CA GLY B 30 -0.63 24.51 -3.56
C GLY B 30 -0.79 24.24 -2.06
N THR B 31 -0.55 25.28 -1.27
CA THR B 31 -0.71 25.23 0.18
C THR B 31 -2.17 25.49 0.58
N LEU B 32 -2.64 24.77 1.59
CA LEU B 32 -4.02 24.91 2.08
C LEU B 32 -4.06 25.90 3.24
N GLU B 33 -4.69 27.05 3.02
CA GLU B 33 -4.78 28.13 4.03
C GLU B 33 -6.04 28.01 4.89
N LEU B 34 -5.90 27.52 6.10
CA LEU B 34 -7.07 27.29 6.89
C LEU B 34 -7.67 28.62 7.28
N THR B 35 -6.82 29.58 7.67
CA THR B 35 -7.30 30.90 8.03
C THR B 35 -6.86 31.96 7.01
N ALA B 36 -7.62 33.05 6.93
CA ALA B 36 -7.42 34.07 5.89
C ALA B 36 -6.10 34.83 5.94
N VAL B 37 -5.53 35.05 4.79
CA VAL B 37 -4.28 35.76 4.70
C VAL B 37 -4.46 36.85 3.64
N ALA B 38 -4.40 38.11 4.07
CA ALA B 38 -4.55 39.21 3.13
C ALA B 38 -3.22 39.59 2.49
N ALA B 39 -2.57 40.63 2.98
CA ALA B 39 -1.34 41.08 2.35
C ALA B 39 -0.39 39.88 2.21
N GLY B 40 -0.11 39.25 3.34
CA GLY B 40 0.76 38.10 3.42
C GLY B 40 0.77 37.93 4.93
N ALA B 41 -0.16 38.69 5.52
CA ALA B 41 -0.35 38.75 6.96
C ALA B 41 -1.72 38.18 7.43
N PRO B 42 -1.70 37.47 8.54
CA PRO B 42 -2.91 36.88 9.12
C PRO B 42 -3.95 37.93 9.44
N VAL B 43 -5.21 37.52 9.39
CA VAL B 43 -6.32 38.39 9.66
C VAL B 43 -6.97 37.83 10.92
N PRO B 44 -7.56 38.68 11.73
CA PRO B 44 -8.25 38.23 12.95
C PRO B 44 -9.69 37.83 12.66
N ASP B 45 -10.35 37.21 13.64
CA ASP B 45 -11.72 36.75 13.50
C ASP B 45 -11.91 35.65 12.42
N SER B 46 -10.84 34.97 12.02
CA SER B 46 -10.94 33.97 10.93
C SER B 46 -11.24 32.56 11.42
N LEU B 47 -11.99 31.81 10.61
CA LEU B 47 -12.37 30.42 10.90
C LEU B 47 -12.36 29.66 9.58
N GLY B 48 -11.82 28.45 9.60
CA GLY B 48 -11.76 27.61 8.42
C GLY B 48 -11.61 26.12 8.75
N ARG B 49 -12.28 25.27 7.98
CA ARG B 49 -12.17 23.84 8.23
C ARG B 49 -12.06 23.13 6.91
N ALA B 50 -11.36 21.99 6.90
CA ALA B 50 -11.26 21.22 5.67
C ALA B 50 -11.56 19.75 5.98
N LEU B 51 -12.47 19.14 5.23
CA LEU B 51 -12.80 17.75 5.53
C LEU B 51 -12.61 16.91 4.30
N TYR B 52 -12.25 15.64 4.47
CA TYR B 52 -12.12 14.74 3.31
C TYR B 52 -13.55 14.32 2.86
N ALA B 53 -13.79 14.32 1.55
CA ALA B 53 -15.14 14.07 1.02
C ALA B 53 -15.85 12.80 1.49
N ALA B 54 -15.17 11.67 1.49
CA ALA B 54 -15.79 10.44 1.91
C ALA B 54 -15.68 10.16 3.41
N PRO B 55 -16.77 9.69 4.02
CA PRO B 55 -16.72 9.24 5.40
C PRO B 55 -15.88 8.00 5.50
N ILE B 56 -15.29 7.76 6.66
CA ILE B 56 -14.51 6.55 6.85
C ILE B 56 -15.22 5.71 7.88
N HIS B 57 -15.26 4.40 7.67
CA HIS B 57 -15.95 3.51 8.60
C HIS B 57 -15.01 3.31 9.75
N ILE B 58 -15.31 3.93 10.87
CA ILE B 58 -14.33 3.90 11.94
C ILE B 58 -14.54 2.81 12.97
N HIS B 59 -15.76 2.26 12.99
CA HIS B 59 -16.09 1.10 13.82
C HIS B 59 -17.43 0.51 13.36
N ASP B 60 -17.72 -0.72 13.77
CA ASP B 60 -18.99 -1.37 13.42
C ASP B 60 -19.69 -1.95 14.65
N ASN B 61 -19.64 -1.24 15.76
CA ASN B 61 -20.30 -1.67 16.99
C ASN B 61 -19.48 -2.72 17.72
N THR B 62 -19.13 -3.80 17.03
CA THR B 62 -18.35 -4.82 17.73
C THR B 62 -16.85 -4.76 17.47
N THR B 63 -16.40 -4.04 16.46
CA THR B 63 -14.98 -4.03 16.17
C THR B 63 -14.55 -2.63 15.85
N LEU B 64 -13.31 -2.27 16.19
CA LEU B 64 -12.76 -0.93 15.97
C LEU B 64 -11.73 -0.93 14.85
N ALA B 65 -11.56 0.20 14.18
CA ALA B 65 -10.57 0.24 13.11
C ALA B 65 -9.22 0.76 13.60
N SER B 66 -8.16 0.47 12.88
CA SER B 66 -6.91 1.13 13.24
C SER B 66 -6.73 2.22 12.21
N PHE B 67 -6.06 3.28 12.56
CA PHE B 67 -5.76 4.28 11.56
C PHE B 67 -4.48 5.03 11.86
N THR B 68 -3.89 5.56 10.80
CA THR B 68 -2.65 6.30 10.85
C THR B 68 -2.80 7.51 9.97
N THR B 69 -2.29 8.66 10.40
CA THR B 69 -2.36 9.86 9.56
C THR B 69 -1.14 10.73 9.76
N SER B 70 -0.66 11.32 8.66
CA SER B 70 0.51 12.17 8.71
C SER B 70 0.22 13.44 8.00
N PHE B 71 0.59 14.56 8.62
CA PHE B 71 0.47 15.85 7.95
C PHE B 71 1.61 16.75 8.33
N SER B 72 1.73 17.87 7.62
CA SER B 72 2.77 18.86 7.91
C SER B 72 2.20 20.26 7.81
N PHE B 73 2.47 21.09 8.81
CA PHE B 73 1.92 22.43 8.78
C PHE B 73 2.95 23.51 8.99
N VAL B 74 2.52 24.75 8.83
CA VAL B 74 3.36 25.92 9.06
C VAL B 74 2.53 27.07 9.62
N MET B 75 3.08 27.77 10.61
CA MET B 75 2.43 28.92 11.20
C MET B 75 3.39 30.09 11.04
N ALA B 76 2.93 31.18 10.46
CA ALA B 76 3.80 32.34 10.39
C ALA B 76 3.20 33.40 11.27
N ALA B 77 4.03 34.31 11.79
CA ALA B 77 3.53 35.37 12.66
C ALA B 77 4.33 36.65 12.53
N PRO B 78 3.63 37.76 12.29
CA PRO B 78 4.24 39.09 12.25
C PRO B 78 4.91 39.38 13.61
N ALA B 79 4.28 38.94 14.70
CA ALA B 79 4.85 39.07 16.05
C ALA B 79 4.76 37.74 16.80
N ALA B 80 5.90 37.05 16.91
CA ALA B 80 5.97 35.73 17.52
C ALA B 80 5.56 35.65 18.99
N ALA B 81 5.26 36.78 19.64
CA ALA B 81 4.87 36.74 21.04
C ALA B 81 3.37 36.96 21.31
N ALA B 82 2.68 37.59 20.34
CA ALA B 82 1.23 37.85 20.45
C ALA B 82 0.53 37.04 19.34
N VAL B 83 0.14 35.81 19.68
CA VAL B 83 -0.38 34.89 18.66
C VAL B 83 -1.60 34.09 19.09
N ALA B 84 -2.39 33.65 18.12
CA ALA B 84 -3.59 32.88 18.43
C ALA B 84 -4.22 32.40 17.14
N ASP B 85 -5.05 31.35 17.19
CA ASP B 85 -5.38 30.60 18.37
C ASP B 85 -4.91 29.14 18.26
N GLY B 86 -4.62 28.66 17.04
CA GLY B 86 -4.23 27.27 16.87
C GLY B 86 -4.95 26.45 15.79
N LEU B 87 -4.53 25.20 15.62
CA LEU B 87 -5.19 24.32 14.65
C LEU B 87 -5.40 22.98 15.30
N ALA B 88 -6.29 22.17 14.73
CA ALA B 88 -6.59 20.84 15.26
C ALA B 88 -6.87 19.86 14.15
N PHE B 89 -6.53 18.60 14.37
CA PHE B 89 -7.00 17.56 13.45
C PHE B 89 -8.16 16.96 14.24
N PHE B 90 -9.26 16.62 13.58
CA PHE B 90 -10.34 16.03 14.34
C PHE B 90 -11.14 14.94 13.62
N LEU B 91 -11.96 14.23 14.39
CA LEU B 91 -12.90 13.25 13.86
C LEU B 91 -14.26 13.65 14.42
N ALA B 92 -15.30 13.57 13.59
CA ALA B 92 -16.65 13.94 13.99
C ALA B 92 -17.63 13.40 12.96
N PRO B 93 -18.94 13.50 13.24
CA PRO B 93 -19.97 12.97 12.34
C PRO B 93 -19.94 13.62 10.97
N PRO B 94 -20.38 12.87 9.96
CA PRO B 94 -20.29 13.29 8.55
C PRO B 94 -20.90 14.63 8.26
N ASP B 95 -21.88 15.01 9.06
CA ASP B 95 -22.62 16.25 8.81
C ASP B 95 -22.10 17.42 9.62
N THR B 96 -20.88 17.31 10.13
CA THR B 96 -20.27 18.34 10.97
C THR B 96 -20.21 19.74 10.33
N GLN B 97 -20.64 20.73 11.10
CA GLN B 97 -20.56 22.11 10.67
C GLN B 97 -19.69 22.93 11.66
N PRO B 98 -19.10 24.01 11.18
CA PRO B 98 -18.32 24.91 12.01
C PRO B 98 -19.02 25.38 13.29
N GLN B 99 -18.27 25.51 14.39
CA GLN B 99 -18.85 26.03 15.64
C GLN B 99 -18.36 27.45 15.94
N ALA B 100 -18.09 27.78 17.19
CA ALA B 100 -17.64 29.15 17.51
C ALA B 100 -16.18 29.26 17.24
N ARG B 101 -15.75 30.45 16.85
CA ARG B 101 -14.34 30.69 16.56
C ARG B 101 -13.48 31.12 17.79
N GLY B 102 -12.44 31.89 17.53
CA GLY B 102 -11.51 32.23 18.59
C GLY B 102 -10.99 30.97 19.30
N GLY B 103 -11.07 30.99 20.62
CA GLY B 103 -10.58 29.92 21.45
C GLY B 103 -11.22 28.58 21.25
N PHE B 104 -12.35 28.51 20.55
CA PHE B 104 -13.06 27.25 20.41
C PHE B 104 -12.67 26.46 19.15
N LEU B 105 -11.83 27.08 18.33
CA LEU B 105 -11.26 26.41 17.19
C LEU B 105 -12.28 25.93 16.14
N GLY B 106 -13.54 26.33 16.30
CA GLY B 106 -14.57 25.89 15.38
C GLY B 106 -15.03 24.47 15.66
N LEU B 107 -14.78 23.98 16.86
CA LEU B 107 -15.16 22.62 17.18
C LEU B 107 -16.22 22.58 18.26
N PHE B 108 -16.31 23.62 19.07
CA PHE B 108 -17.35 23.69 20.12
C PHE B 108 -17.99 25.07 20.25
N ALA B 109 -19.03 25.15 21.07
CA ALA B 109 -19.84 26.36 21.17
C ALA B 109 -19.71 27.01 22.53
N ASP B 110 -19.06 26.32 23.44
CA ASP B 110 -18.89 26.80 24.78
C ASP B 110 -17.93 25.86 25.51
N ARG B 111 -17.66 26.09 26.78
CA ARG B 111 -16.65 25.32 27.48
C ARG B 111 -17.15 24.05 28.17
N ALA B 112 -18.43 23.78 28.10
CA ALA B 112 -18.91 22.56 28.74
C ALA B 112 -18.58 21.32 27.92
N HIS B 113 -18.44 20.22 28.64
CA HIS B 113 -18.23 18.91 28.07
C HIS B 113 -19.61 18.37 27.75
N ASP B 114 -19.80 17.87 26.53
CA ASP B 114 -21.10 17.40 26.06
C ASP B 114 -21.01 16.14 25.17
N ALA B 115 -21.51 15.01 25.65
CA ALA B 115 -21.44 13.77 24.88
C ALA B 115 -21.95 13.92 23.45
N SER B 116 -22.82 14.89 23.19
CA SER B 116 -23.39 15.01 21.84
C SER B 116 -22.49 15.62 20.78
N TYR B 117 -21.33 16.17 21.17
CA TYR B 117 -20.44 16.74 20.13
C TYR B 117 -19.95 15.57 19.31
N GLN B 118 -19.74 14.44 20.00
CA GLN B 118 -19.22 13.25 19.37
C GLN B 118 -17.95 13.62 18.60
N THR B 119 -17.12 14.46 19.18
CA THR B 119 -15.93 14.90 18.47
C THR B 119 -14.69 14.50 19.22
N VAL B 120 -13.68 14.00 18.50
CA VAL B 120 -12.39 13.71 19.11
C VAL B 120 -11.38 14.50 18.32
N ALA B 121 -10.63 15.33 19.04
CA ALA B 121 -9.65 16.20 18.39
C ALA B 121 -8.27 16.22 19.07
N VAL B 122 -7.25 16.45 18.27
CA VAL B 122 -5.90 16.62 18.73
C VAL B 122 -5.57 18.05 18.34
N GLU B 123 -5.24 18.88 19.32
CA GLU B 123 -5.00 20.31 19.10
C GLU B 123 -3.58 20.84 19.36
N PHE B 124 -3.21 21.84 18.57
CA PHE B 124 -1.95 22.54 18.73
C PHE B 124 -2.41 23.95 19.06
N ASP B 125 -2.50 24.20 20.37
CA ASP B 125 -3.10 25.39 20.98
C ASP B 125 -2.07 26.41 21.34
N THR B 126 -2.16 27.57 20.72
CA THR B 126 -1.18 28.62 20.91
C THR B 126 -1.63 29.85 21.72
N TYR B 127 -2.83 29.80 22.32
CA TYR B 127 -3.33 30.91 23.13
C TYR B 127 -3.97 30.43 24.43
N SER B 128 -3.39 30.85 25.55
CA SER B 128 -3.84 30.37 26.84
C SER B 128 -5.18 30.92 27.28
N ASN B 129 -6.23 30.16 27.09
CA ASN B 129 -7.54 30.57 27.55
C ASN B 129 -7.66 30.08 28.97
N ALA B 130 -8.75 30.50 29.62
CA ALA B 130 -9.07 30.21 31.01
C ALA B 130 -9.16 28.73 31.33
N TRP B 131 -9.22 27.95 30.26
CA TRP B 131 -9.42 26.51 30.40
C TRP B 131 -8.14 25.80 30.01
N ASP B 132 -7.11 26.61 29.73
CA ASP B 132 -5.81 26.11 29.28
C ASP B 132 -4.70 26.21 30.33
N PRO B 133 -3.70 25.37 30.22
CA PRO B 133 -2.50 25.56 31.03
C PRO B 133 -1.86 26.81 30.41
N ASN B 134 -1.05 27.51 31.21
CA ASN B 134 -0.43 28.75 30.77
C ASN B 134 0.79 28.58 29.92
N TYR B 135 0.71 27.78 28.87
CA TYR B 135 1.84 27.62 27.94
C TYR B 135 1.35 26.95 26.65
N THR B 136 2.02 27.21 25.54
CA THR B 136 1.64 26.56 24.30
C THR B 136 1.62 25.06 24.50
N HIS B 137 0.69 24.34 23.89
CA HIS B 137 0.54 22.93 24.24
C HIS B 137 -0.17 22.03 23.22
N ILE B 138 0.03 20.72 23.34
CA ILE B 138 -0.72 19.77 22.53
C ILE B 138 -1.78 19.15 23.45
N GLY B 139 -3.00 19.00 23.00
CA GLY B 139 -3.98 18.40 23.88
C GLY B 139 -4.92 17.47 23.14
N ILE B 140 -5.40 16.43 23.81
CA ILE B 140 -6.38 15.52 23.25
C ILE B 140 -7.74 15.95 23.77
N ASP B 141 -8.67 16.25 22.86
CA ASP B 141 -10.00 16.68 23.27
C ASP B 141 -11.05 15.65 23.00
N THR B 142 -11.67 15.13 24.05
CA THR B 142 -12.81 14.22 23.88
C THR B 142 -14.10 14.94 24.29
N ASN B 143 -14.82 15.51 23.33
CA ASN B 143 -16.11 16.14 23.60
C ASN B 143 -16.08 17.46 24.39
N GLY B 144 -15.06 18.29 24.14
CA GLY B 144 -14.98 19.55 24.82
C GLY B 144 -13.66 20.26 24.58
N ILE B 145 -13.66 21.58 24.75
CA ILE B 145 -12.46 22.34 24.52
C ILE B 145 -11.44 22.19 25.64
N GLU B 146 -11.92 21.70 26.78
CA GLU B 146 -11.04 21.46 27.91
C GLU B 146 -10.48 20.03 27.75
N SER B 147 -9.22 19.93 27.32
CA SER B 147 -8.58 18.63 27.04
C SER B 147 -8.69 17.56 28.10
N LYS B 148 -8.65 16.30 27.66
CA LYS B 148 -8.55 15.13 28.53
C LYS B 148 -7.10 15.08 29.08
N LYS B 149 -6.15 15.52 28.25
CA LYS B 149 -4.74 15.45 28.60
C LYS B 149 -3.97 16.43 27.73
N THR B 150 -2.90 17.04 28.26
CA THR B 150 -2.06 18.02 27.54
C THR B 150 -0.54 17.88 27.88
N THR B 151 0.34 18.29 26.97
CA THR B 151 1.77 18.37 27.26
C THR B 151 2.30 19.66 26.68
N PRO B 152 3.29 20.26 27.30
CA PRO B 152 3.86 21.51 26.79
C PRO B 152 4.61 21.31 25.49
N PHE B 153 4.78 22.35 24.69
CA PHE B 153 5.66 22.26 23.54
C PHE B 153 6.04 23.69 23.07
N ASP B 154 7.15 23.84 22.36
CA ASP B 154 7.51 25.16 21.85
C ASP B 154 7.35 25.24 20.35
N MET B 155 6.50 26.18 19.94
CA MET B 155 6.31 26.42 18.54
C MET B 155 7.56 27.07 17.99
N VAL B 156 7.84 26.79 16.73
CA VAL B 156 8.89 27.44 16.01
C VAL B 156 8.20 27.96 14.79
N TYR B 157 8.09 29.28 14.66
CA TYR B 157 7.37 29.83 13.50
C TYR B 157 8.22 29.78 12.24
N GLY B 158 7.57 29.74 11.07
CA GLY B 158 8.32 29.67 9.82
C GLY B 158 8.97 28.30 9.59
N GLU B 159 8.69 27.31 10.44
CA GLU B 159 9.28 25.98 10.22
C GLU B 159 8.24 24.87 10.00
N LYS B 160 8.38 24.15 8.90
CA LYS B 160 7.45 23.06 8.56
C LYS B 160 7.46 21.96 9.60
N ALA B 161 6.31 21.67 10.19
CA ALA B 161 6.20 20.63 11.20
C ALA B 161 5.64 19.34 10.62
N ASN B 162 6.08 18.21 11.19
CA ASN B 162 5.64 16.89 10.78
C ASN B 162 4.84 16.24 11.89
N ILE B 163 3.58 15.94 11.64
CA ILE B 163 2.75 15.30 12.66
C ILE B 163 2.36 13.90 12.28
N VAL B 164 2.31 13.01 13.27
CA VAL B 164 1.88 11.63 13.08
C VAL B 164 0.91 11.30 14.19
N ILE B 165 -0.29 10.84 13.83
CA ILE B 165 -1.29 10.42 14.85
C ILE B 165 -1.67 8.99 14.56
N THR B 166 -1.53 8.11 15.53
CA THR B 166 -1.95 6.74 15.28
C THR B 166 -2.95 6.18 16.31
N TYR B 167 -3.89 5.35 15.85
CA TYR B 167 -4.82 4.68 16.74
C TYR B 167 -4.72 3.18 16.50
N GLN B 168 -4.29 2.45 17.52
CA GLN B 168 -4.15 1.01 17.45
C GLN B 168 -5.42 0.41 18.05
N ALA B 169 -6.15 -0.41 17.31
CA ALA B 169 -7.41 -0.94 17.83
C ALA B 169 -7.28 -1.96 18.94
N SER B 170 -6.24 -2.76 18.91
CA SER B 170 -6.17 -3.85 19.89
C SER B 170 -5.96 -3.35 21.31
N THR B 171 -5.41 -2.15 21.46
CA THR B 171 -5.18 -1.58 22.79
C THR B 171 -5.99 -0.33 22.95
N LYS B 172 -6.67 0.08 21.89
CA LYS B 172 -7.49 1.28 21.97
C LYS B 172 -6.64 2.48 22.37
N ALA B 173 -5.42 2.58 21.87
CA ALA B 173 -4.55 3.74 22.13
C ALA B 173 -4.59 4.72 20.97
N LEU B 174 -4.65 6.00 21.31
CA LEU B 174 -4.52 7.05 20.33
C LEU B 174 -3.24 7.79 20.69
N ALA B 175 -2.27 7.82 19.79
CA ALA B 175 -0.97 8.41 20.08
C ALA B 175 -0.63 9.54 19.11
N ALA B 176 -0.04 10.63 19.58
CA ALA B 176 0.33 11.71 18.65
C ALA B 176 1.78 12.14 18.83
N SER B 177 2.43 12.47 17.73
CA SER B 177 3.78 12.92 17.85
C SER B 177 3.98 14.13 16.95
N LEU B 178 4.92 14.99 17.34
CA LEU B 178 5.18 16.21 16.59
C LEU B 178 6.67 16.42 16.49
N VAL B 179 7.21 16.52 15.27
CA VAL B 179 8.63 16.87 15.21
C VAL B 179 8.98 18.11 14.38
N PHE B 180 9.95 18.88 14.89
CA PHE B 180 10.46 20.02 14.16
C PHE B 180 11.77 19.53 13.57
N PRO B 181 11.67 19.08 12.34
CA PRO B 181 12.76 18.42 11.64
C PRO B 181 14.05 19.23 11.59
N VAL B 182 13.99 20.52 11.26
CA VAL B 182 15.21 21.32 11.17
C VAL B 182 15.69 21.70 12.58
N SER B 183 14.80 22.17 13.43
CA SER B 183 15.20 22.53 14.78
C SER B 183 15.53 21.32 15.64
N GLN B 184 15.18 20.12 15.17
CA GLN B 184 15.51 18.86 15.88
C GLN B 184 14.82 18.65 17.21
N THR B 185 13.56 19.00 17.34
CA THR B 185 12.88 18.77 18.61
C THR B 185 11.61 17.97 18.37
N SER B 186 11.23 17.14 19.32
CA SER B 186 10.02 16.35 19.15
C SER B 186 9.26 16.22 20.44
N TYR B 187 7.96 15.97 20.35
CA TYR B 187 7.05 15.87 21.51
C TYR B 187 6.02 14.80 21.24
N ALA B 188 5.54 14.10 22.26
CA ALA B 188 4.64 12.94 22.05
C ALA B 188 3.64 12.77 23.16
N VAL B 189 2.45 12.27 22.83
CA VAL B 189 1.43 12.04 23.85
C VAL B 189 0.55 10.88 23.52
N SER B 190 0.08 10.22 24.57
CA SER B 190 -0.77 9.06 24.40
C SER B 190 -1.89 8.94 25.44
N ALA B 191 -3.06 8.47 25.01
CA ALA B 191 -4.17 8.21 25.92
C ALA B 191 -4.90 6.99 25.42
N ARG B 192 -5.66 6.34 26.28
CA ARG B 192 -6.55 5.29 25.81
C ARG B 192 -8.00 5.80 25.75
N VAL B 193 -8.68 5.45 24.67
CA VAL B 193 -10.06 5.81 24.54
C VAL B 193 -10.71 4.82 23.59
N ASP B 194 -11.86 4.31 24.00
CA ASP B 194 -12.55 3.35 23.16
C ASP B 194 -13.41 4.19 22.24
N LEU B 195 -13.12 4.16 20.95
CA LEU B 195 -13.90 4.98 20.03
C LEU B 195 -15.39 4.59 19.94
N ARG B 196 -15.70 3.35 20.31
CA ARG B 196 -17.09 2.90 20.22
C ARG B 196 -18.06 3.63 21.17
N ASP B 197 -17.57 4.23 22.25
CA ASP B 197 -18.51 4.92 23.14
C ASP B 197 -18.59 6.38 22.76
N ILE B 198 -17.75 6.80 21.82
CA ILE B 198 -17.67 8.21 21.54
C ILE B 198 -18.22 8.60 20.21
N LEU B 199 -17.87 7.83 19.18
CA LEU B 199 -18.19 8.14 17.77
C LEU B 199 -19.24 7.28 17.11
N PRO B 200 -19.86 7.76 16.05
CA PRO B 200 -20.79 6.95 15.29
C PRO B 200 -19.96 6.02 14.42
N GLU B 201 -20.59 5.11 13.71
CA GLU B 201 -19.87 4.18 12.84
C GLU B 201 -19.10 4.88 11.75
N TYR B 202 -19.68 5.95 11.22
CA TYR B 202 -19.01 6.64 10.13
C TYR B 202 -18.74 8.08 10.50
N VAL B 203 -17.51 8.53 10.29
CA VAL B 203 -17.16 9.92 10.60
C VAL B 203 -16.47 10.56 9.42
N ARG B 204 -16.24 11.87 9.50
CA ARG B 204 -15.43 12.58 8.51
C ARG B 204 -14.20 13.05 9.27
N VAL B 205 -13.13 13.34 8.55
CA VAL B 205 -11.90 13.73 9.19
C VAL B 205 -11.38 14.95 8.52
N GLY B 206 -10.59 15.72 9.26
CA GLY B 206 -10.07 16.98 8.73
C GLY B 206 -9.46 17.94 9.76
N PHE B 207 -9.34 19.18 9.34
CA PHE B 207 -8.64 20.21 10.10
C PHE B 207 -9.55 21.41 10.41
N SER B 208 -9.18 22.15 11.45
CA SER B 208 -9.92 23.33 11.87
C SER B 208 -8.93 24.27 12.48
N ALA B 209 -9.16 25.57 12.29
CA ALA B 209 -8.25 26.59 12.81
C ALA B 209 -8.92 27.96 12.91
N THR B 210 -8.49 28.76 13.88
CA THR B 210 -9.00 30.10 14.08
C THR B 210 -7.86 31.03 14.44
N THR B 211 -8.07 32.34 14.22
CA THR B 211 -7.11 33.37 14.63
C THR B 211 -7.74 34.13 15.79
N GLY B 212 -6.94 34.89 16.54
CA GLY B 212 -7.46 35.58 17.69
C GLY B 212 -8.52 36.62 17.41
N LEU B 213 -9.34 36.90 18.42
CA LEU B 213 -10.41 37.91 18.32
C LEU B 213 -9.99 39.39 18.52
N ASN B 214 -8.71 39.71 18.37
CA ASN B 214 -8.24 41.09 18.54
C ASN B 214 -7.10 41.35 17.56
N ALA B 215 -6.83 42.61 17.23
CA ALA B 215 -5.81 42.86 16.24
C ALA B 215 -4.41 42.50 16.75
N GLY B 216 -3.56 42.06 15.84
CA GLY B 216 -2.17 41.77 16.20
C GLY B 216 -1.95 40.48 16.98
N VAL B 217 -3.01 39.90 17.50
CA VAL B 217 -2.91 38.63 18.20
C VAL B 217 -3.25 37.56 17.16
N VAL B 218 -2.30 37.29 16.27
CA VAL B 218 -2.65 36.56 15.07
C VAL B 218 -1.48 35.76 14.42
N GLU B 219 -1.83 34.70 13.70
CA GLU B 219 -0.87 33.80 13.04
C GLU B 219 -1.50 32.99 11.88
N THR B 220 -0.70 32.60 10.89
CA THR B 220 -1.22 31.71 9.85
C THR B 220 -1.39 30.29 10.33
N HIS B 221 -2.15 29.53 9.56
CA HIS B 221 -2.38 28.10 9.82
C HIS B 221 -2.43 27.35 8.47
N ASP B 222 -1.27 26.99 7.94
CA ASP B 222 -1.20 26.32 6.64
C ASP B 222 -0.97 24.80 6.70
N ILE B 223 -1.76 24.04 5.93
CA ILE B 223 -1.57 22.61 5.77
C ILE B 223 -0.77 22.41 4.50
N VAL B 224 0.32 21.64 4.59
CA VAL B 224 1.20 21.53 3.43
C VAL B 224 1.12 20.23 2.68
N SER B 225 0.82 19.15 3.39
CA SER B 225 0.76 17.84 2.79
C SER B 225 -0.08 17.02 3.76
N TRP B 226 -0.67 15.90 3.29
CA TRP B 226 -1.59 15.13 4.14
C TRP B 226 -1.83 13.72 3.62
N SER B 227 -1.70 12.72 4.45
CA SER B 227 -2.00 11.36 4.01
C SER B 227 -2.74 10.66 5.15
N PHE B 228 -3.58 9.71 4.80
CA PHE B 228 -4.42 9.04 5.79
C PHE B 228 -4.73 7.58 5.43
N ALA B 229 -4.73 6.69 6.40
CA ALA B 229 -5.05 5.30 6.12
C ALA B 229 -5.80 4.63 7.28
N VAL B 230 -6.88 3.90 6.95
CA VAL B 230 -7.63 3.10 7.95
C VAL B 230 -7.90 1.71 7.48
N SER B 231 -8.13 0.84 8.46
CA SER B 231 -8.45 -0.56 8.22
C SER B 231 -9.44 -1.03 9.26
N LEU B 232 -10.53 -1.62 8.79
CA LEU B 232 -11.50 -2.23 9.66
C LEU B 232 -11.44 -3.74 9.43
N ALA B 233 -10.94 -4.47 10.42
CA ALA B 233 -10.76 -5.92 10.29
C ALA B 233 -12.04 -6.73 10.59
N THR C 1 12.28 5.03 -9.39
CA THR C 1 11.60 4.69 -8.14
C THR C 1 11.85 3.23 -7.71
N GLU C 2 12.11 3.04 -6.42
CA GLU C 2 12.28 1.72 -5.85
C GLU C 2 11.64 1.67 -4.50
N SER C 3 10.95 0.58 -4.19
CA SER C 3 10.35 0.46 -2.87
C SER C 3 10.50 -0.92 -2.28
N THR C 4 10.57 -1.00 -0.95
CA THR C 4 10.54 -2.29 -0.33
C THR C 4 9.55 -2.34 0.81
N SER C 5 8.82 -3.43 0.98
CA SER C 5 7.99 -3.45 2.18
C SER C 5 7.68 -4.84 2.63
N PHE C 6 7.59 -5.02 3.95
CA PHE C 6 7.27 -6.32 4.53
C PHE C 6 6.61 -6.17 5.86
N SER C 7 5.82 -7.17 6.26
CA SER C 7 5.22 -7.11 7.58
C SER C 7 5.01 -8.49 8.15
N PHE C 8 5.13 -8.58 9.47
CA PHE C 8 4.97 -9.83 10.17
C PHE C 8 4.13 -9.54 11.36
N THR C 9 3.03 -10.25 11.45
CA THR C 9 2.17 -10.13 12.59
C THR C 9 2.55 -11.13 13.69
N ASN C 10 3.36 -12.10 13.30
CA ASN C 10 3.95 -13.06 14.21
C ASN C 10 4.94 -13.85 13.36
N PHE C 11 5.82 -14.65 13.98
CA PHE C 11 6.83 -15.38 13.21
C PHE C 11 6.66 -16.87 13.31
N ASN C 12 7.46 -17.58 12.50
CA ASN C 12 7.47 -19.03 12.45
C ASN C 12 8.89 -19.52 12.67
N PRO C 13 9.02 -20.69 13.30
CA PRO C 13 10.36 -21.28 13.52
C PRO C 13 11.19 -21.41 12.24
N ASN C 14 10.57 -21.64 11.10
CA ASN C 14 11.33 -21.69 9.85
C ASN C 14 11.15 -20.45 8.95
N GLN C 15 11.28 -19.27 9.53
CA GLN C 15 11.18 -18.05 8.80
C GLN C 15 12.37 -17.92 7.89
N ASN C 16 12.34 -18.52 6.71
CA ASN C 16 13.48 -18.41 5.80
C ASN C 16 13.68 -17.00 5.27
N ASN C 17 12.78 -16.07 5.57
CA ASN C 17 12.99 -14.70 5.08
C ASN C 17 13.62 -13.76 6.10
N LEU C 18 14.07 -14.34 7.20
CA LEU C 18 14.83 -13.63 8.20
C LEU C 18 16.21 -14.28 8.24
N ILE C 19 17.21 -13.53 8.67
CA ILE C 19 18.54 -14.13 8.85
C ILE C 19 18.80 -14.08 10.34
N LEU C 20 18.81 -15.24 10.99
CA LEU C 20 19.02 -15.29 12.44
C LEU C 20 20.47 -15.56 12.81
N GLN C 21 21.06 -14.66 13.59
CA GLN C 21 22.46 -14.78 13.98
C GLN C 21 22.64 -15.08 15.47
N GLU C 22 23.64 -15.89 15.80
CA GLU C 22 23.90 -16.35 17.17
C GLU C 22 22.69 -17.02 17.83
N ASP C 23 22.27 -16.46 18.95
CA ASP C 23 21.18 -17.04 19.74
C ASP C 23 19.75 -16.82 19.25
N ALA C 24 19.50 -15.77 18.51
CA ALA C 24 18.12 -15.46 18.11
C ALA C 24 17.39 -16.71 17.63
N LEU C 25 16.11 -16.79 17.98
CA LEU C 25 15.32 -17.96 17.66
C LEU C 25 13.81 -17.68 17.80
N VAL C 26 13.00 -18.48 17.12
CA VAL C 26 11.56 -18.27 17.19
C VAL C 26 10.80 -19.35 17.99
N ASN C 27 10.00 -18.85 18.94
CA ASN C 27 9.12 -19.58 19.85
C ASN C 27 8.09 -20.47 19.26
N SER C 28 7.60 -21.39 20.09
CA SER C 28 6.47 -22.23 19.74
C SER C 28 5.22 -21.35 19.77
N ALA C 29 5.27 -20.28 20.56
CA ALA C 29 4.19 -19.30 20.58
C ALA C 29 4.36 -18.21 19.48
N GLY C 30 5.37 -18.37 18.62
CA GLY C 30 5.59 -17.47 17.49
C GLY C 30 6.11 -16.09 17.84
N THR C 31 7.04 -16.03 18.77
CA THR C 31 7.54 -14.76 19.23
C THR C 31 9.07 -14.80 19.11
N LEU C 32 9.65 -13.80 18.47
CA LEU C 32 11.08 -13.77 18.22
C LEU C 32 11.92 -13.46 19.45
N GLU C 33 12.54 -14.50 20.02
CA GLU C 33 13.38 -14.38 21.21
C GLU C 33 14.80 -14.05 20.81
N LEU C 34 15.15 -12.77 20.86
CA LEU C 34 16.48 -12.35 20.47
C LEU C 34 17.53 -12.97 21.36
N THR C 35 17.33 -12.92 22.67
CA THR C 35 18.30 -13.51 23.57
C THR C 35 17.74 -14.80 24.19
N ALA C 36 18.61 -15.66 24.73
CA ALA C 36 18.18 -17.00 25.17
C ALA C 36 17.28 -17.07 26.41
N VAL C 37 16.29 -17.94 26.36
CA VAL C 37 15.40 -18.12 27.50
C VAL C 37 15.45 -19.59 27.95
N ALA C 38 15.85 -19.81 29.21
CA ALA C 38 16.03 -21.14 29.79
C ALA C 38 14.72 -21.78 30.22
N ALA C 39 14.27 -21.52 31.45
CA ALA C 39 12.95 -22.04 31.79
C ALA C 39 12.03 -20.96 31.24
N GLY C 40 11.81 -19.95 32.07
CA GLY C 40 11.08 -18.78 31.63
C GLY C 40 12.01 -17.68 32.11
N ALA C 41 13.29 -18.03 32.18
CA ALA C 41 14.27 -17.08 32.66
C ALA C 41 15.32 -16.75 31.61
N PRO C 42 15.67 -15.47 31.55
CA PRO C 42 16.68 -15.02 30.62
C PRO C 42 18.00 -15.53 31.13
N VAL C 43 18.82 -16.04 30.20
CA VAL C 43 20.15 -16.51 30.53
C VAL C 43 21.11 -15.38 30.22
N PRO C 44 22.10 -15.23 31.05
CA PRO C 44 23.09 -14.17 30.90
C PRO C 44 24.08 -14.52 29.83
N ASP C 45 24.86 -13.51 29.40
CA ASP C 45 25.93 -13.69 28.43
C ASP C 45 25.41 -13.99 27.01
N SER C 46 24.12 -13.72 26.76
CA SER C 46 23.50 -14.04 25.47
C SER C 46 23.62 -12.94 24.41
N LEU C 47 23.70 -13.33 23.14
CA LEU C 47 23.74 -12.37 22.02
C LEU C 47 22.84 -12.86 20.89
N GLY C 48 21.93 -12.01 20.44
CA GLY C 48 21.06 -12.38 19.32
C GLY C 48 20.91 -11.28 18.28
N ARG C 49 20.67 -11.66 17.03
CA ARG C 49 20.42 -10.69 15.94
C ARG C 49 19.50 -11.27 14.89
N ALA C 50 18.56 -10.47 14.38
CA ALA C 50 17.71 -10.91 13.27
C ALA C 50 17.60 -9.83 12.19
N LEU C 51 17.88 -10.21 10.95
CA LEU C 51 17.85 -9.30 9.81
C LEU C 51 16.85 -9.69 8.75
N TYR C 52 16.40 -8.72 7.95
CA TYR C 52 15.57 -9.06 6.79
C TYR C 52 16.52 -9.59 5.68
N ALA C 53 16.08 -10.64 4.99
CA ALA C 53 16.90 -11.28 3.94
C ALA C 53 17.18 -10.40 2.74
N ALA C 54 16.32 -9.44 2.42
CA ALA C 54 16.64 -8.62 1.26
C ALA C 54 17.33 -7.34 1.64
N PRO C 55 18.45 -7.09 1.03
CA PRO C 55 19.16 -5.84 1.22
C PRO C 55 18.20 -4.73 0.83
N ILE C 56 18.34 -3.52 1.34
CA ILE C 56 17.40 -2.49 0.86
C ILE C 56 18.16 -1.26 0.35
N HIS C 57 17.59 -0.57 -0.63
CA HIS C 57 18.28 0.53 -1.29
C HIS C 57 17.97 1.83 -0.63
N ILE C 58 18.87 2.26 0.24
CA ILE C 58 18.60 3.39 1.11
C ILE C 58 19.13 4.73 0.58
N HIS C 59 19.96 4.65 -0.46
CA HIS C 59 20.42 5.83 -1.20
C HIS C 59 21.19 5.40 -2.45
N ASP C 60 21.18 6.26 -3.47
CA ASP C 60 21.91 6.02 -4.72
C ASP C 60 23.01 7.02 -4.98
N ASN C 61 23.60 7.58 -3.94
CA ASN C 61 24.69 8.55 -4.04
C ASN C 61 24.18 9.97 -4.04
N THR C 62 23.17 10.23 -4.85
CA THR C 62 22.70 11.60 -4.93
C THR C 62 21.33 11.79 -4.30
N THR C 63 20.58 10.71 -4.20
CA THR C 63 19.25 10.79 -3.65
C THR C 63 19.07 9.87 -2.46
N LEU C 64 18.38 10.36 -1.42
CA LEU C 64 18.09 9.59 -0.23
C LEU C 64 16.74 8.91 -0.31
N ALA C 65 16.59 7.82 0.43
CA ALA C 65 15.33 7.13 0.48
C ALA C 65 14.60 7.54 1.75
N SER C 66 13.27 7.50 1.72
CA SER C 66 12.48 7.69 2.93
C SER C 66 12.12 6.29 3.45
N PHE C 67 11.93 6.15 4.75
CA PHE C 67 11.45 4.88 5.30
C PHE C 67 10.71 5.02 6.63
N THR C 68 9.84 4.06 6.87
CA THR C 68 9.11 4.02 8.12
C THR C 68 9.18 2.61 8.59
N THR C 69 9.24 2.43 9.91
CA THR C 69 9.18 1.07 10.40
C THR C 69 8.50 1.01 11.75
N SER C 70 7.73 -0.04 11.97
CA SER C 70 7.03 -0.24 13.22
C SER C 70 7.29 -1.62 13.79
N PHE C 71 7.64 -1.67 15.06
CA PHE C 71 7.76 -2.94 15.73
C PHE C 71 7.27 -2.82 17.15
N SER C 72 6.96 -3.97 17.73
CA SER C 72 6.55 -4.09 19.12
C SER C 72 7.46 -5.06 19.84
N PHE C 73 7.75 -4.78 21.10
CA PHE C 73 8.61 -5.66 21.86
C PHE C 73 8.14 -5.78 23.28
N VAL C 74 8.71 -6.75 23.98
CA VAL C 74 8.48 -6.98 25.41
C VAL C 74 9.76 -7.42 26.08
N MET C 75 10.05 -6.82 27.21
CA MET C 75 11.16 -7.28 28.02
C MET C 75 10.50 -7.77 29.30
N ALA C 76 10.95 -8.93 29.79
CA ALA C 76 10.48 -9.46 31.07
C ALA C 76 11.70 -9.60 31.99
N ALA C 77 11.49 -9.59 33.30
CA ALA C 77 12.62 -9.73 34.23
C ALA C 77 12.25 -10.24 35.63
N PRO C 78 12.79 -11.40 36.00
CA PRO C 78 12.62 -11.97 37.34
C PRO C 78 12.84 -10.92 38.43
N ALA C 79 13.75 -9.96 38.17
CA ALA C 79 14.08 -8.86 39.09
C ALA C 79 14.20 -7.52 38.35
N ALA C 80 13.18 -6.67 38.46
CA ALA C 80 13.11 -5.39 37.75
C ALA C 80 14.28 -4.42 37.99
N ALA C 81 15.18 -4.76 38.89
CA ALA C 81 16.29 -3.84 39.19
C ALA C 81 17.65 -4.38 38.72
N ALA C 82 17.76 -5.69 38.58
CA ALA C 82 19.05 -6.20 38.11
C ALA C 82 18.89 -6.54 36.65
N VAL C 83 19.00 -5.53 35.79
CA VAL C 83 18.78 -5.70 34.35
C VAL C 83 19.92 -5.25 33.43
N ALA C 84 20.05 -5.94 32.29
CA ALA C 84 21.03 -5.59 31.24
C ALA C 84 20.78 -6.49 30.01
N ASP C 85 21.21 -6.10 28.80
CA ASP C 85 21.81 -4.80 28.50
C ASP C 85 20.95 -3.93 27.57
N GLY C 86 20.00 -4.56 26.88
CA GLY C 86 19.08 -3.84 25.99
C GLY C 86 18.93 -4.37 24.58
N LEU C 87 18.11 -3.70 23.77
CA LEU C 87 17.99 -4.08 22.36
C LEU C 87 18.07 -2.90 21.42
N ALA C 88 18.31 -3.17 20.15
CA ALA C 88 18.47 -2.08 19.19
C ALA C 88 18.02 -2.39 17.78
N PHE C 89 17.46 -1.40 17.10
CA PHE C 89 17.13 -1.56 15.69
C PHE C 89 18.28 -0.92 14.93
N PHE C 90 18.71 -1.55 13.86
CA PHE C 90 19.88 -1.01 13.17
C PHE C 90 19.95 -1.16 11.65
N LEU C 91 20.79 -0.31 11.05
CA LEU C 91 21.10 -0.39 9.63
C LEU C 91 22.61 -0.54 9.49
N ALA C 92 23.06 -1.43 8.60
CA ALA C 92 24.48 -1.71 8.39
C ALA C 92 24.72 -2.36 7.02
N PRO C 93 25.99 -2.59 6.66
CA PRO C 93 26.29 -3.24 5.37
C PRO C 93 25.74 -4.65 5.37
N PRO C 94 25.30 -5.09 4.20
CA PRO C 94 24.64 -6.39 4.01
C PRO C 94 25.38 -7.57 4.61
N ASP C 95 26.72 -7.56 4.57
CA ASP C 95 27.49 -8.69 5.09
C ASP C 95 27.78 -8.64 6.60
N THR C 96 27.08 -7.79 7.34
CA THR C 96 27.33 -7.62 8.77
C THR C 96 27.25 -8.87 9.62
N GLN C 97 28.20 -8.96 10.55
CA GLN C 97 28.34 -10.09 11.49
C GLN C 97 28.33 -9.53 12.90
N PRO C 98 27.89 -10.35 13.86
CA PRO C 98 27.77 -9.89 15.25
C PRO C 98 29.08 -9.42 15.83
N GLN C 99 29.12 -8.31 16.54
CA GLN C 99 30.32 -7.89 17.27
C GLN C 99 30.24 -8.34 18.75
N ALA C 100 30.84 -7.56 19.66
CA ALA C 100 30.88 -7.95 21.07
C ALA C 100 29.55 -7.85 21.84
N ARG C 101 29.36 -8.76 22.79
CA ARG C 101 28.15 -8.75 23.61
C ARG C 101 28.18 -7.75 24.77
N GLY C 102 27.32 -8.01 25.75
CA GLY C 102 27.16 -7.10 26.87
C GLY C 102 26.69 -5.72 26.44
N GLY C 103 27.36 -4.71 27.01
CA GLY C 103 27.02 -3.32 26.75
C GLY C 103 27.32 -2.89 25.33
N PHE C 104 27.93 -3.77 24.56
CA PHE C 104 28.22 -3.44 23.18
C PHE C 104 27.06 -3.84 22.22
N LEU C 105 26.06 -4.52 22.77
CA LEU C 105 24.85 -4.85 22.01
C LEU C 105 25.05 -5.72 20.76
N GLY C 106 26.25 -6.24 20.56
CA GLY C 106 26.53 -7.07 19.41
C GLY C 106 26.63 -6.27 18.12
N LEU C 107 26.97 -4.98 18.26
CA LEU C 107 27.09 -4.03 17.14
C LEU C 107 28.45 -3.37 17.07
N PHE C 108 29.14 -3.29 18.18
CA PHE C 108 30.47 -2.68 18.19
C PHE C 108 31.48 -3.54 18.97
N ALA C 109 32.76 -3.35 18.64
CA ALA C 109 33.85 -4.17 19.20
C ALA C 109 34.48 -3.52 20.42
N ASP C 110 34.32 -2.21 20.54
CA ASP C 110 34.89 -1.45 21.65
C ASP C 110 34.14 -0.11 21.74
N ARG C 111 34.64 0.84 22.52
CA ARG C 111 33.88 2.06 22.72
C ARG C 111 34.24 3.26 21.87
N ALA C 112 35.16 3.10 20.93
CA ALA C 112 35.56 4.23 20.10
C ALA C 112 34.74 4.32 18.80
N HIS C 113 34.51 5.55 18.38
CA HIS C 113 33.82 5.88 17.13
C HIS C 113 34.77 5.49 15.99
N ASP C 114 34.22 5.04 14.87
CA ASP C 114 35.00 4.64 13.70
C ASP C 114 34.09 4.50 12.48
N ALA C 115 34.34 5.33 11.48
CA ALA C 115 33.53 5.40 10.26
C ALA C 115 33.42 4.08 9.50
N SER C 116 34.31 3.14 9.80
CA SER C 116 34.33 1.86 9.11
C SER C 116 33.24 0.90 9.61
N TYR C 117 32.56 1.27 10.69
CA TYR C 117 31.47 0.44 11.22
C TYR C 117 30.30 0.50 10.24
N GLN C 118 30.04 1.71 9.74
CA GLN C 118 28.97 1.95 8.77
C GLN C 118 27.65 1.42 9.31
N THR C 119 27.35 1.83 10.53
CA THR C 119 26.19 1.33 11.23
C THR C 119 25.44 2.46 11.89
N VAL C 120 24.12 2.41 11.82
CA VAL C 120 23.27 3.41 12.48
C VAL C 120 22.25 2.68 13.30
N ALA C 121 22.14 3.04 14.58
CA ALA C 121 21.23 2.33 15.50
C ALA C 121 20.42 3.22 16.41
N VAL C 122 19.19 2.78 16.68
CA VAL C 122 18.40 3.41 17.69
C VAL C 122 18.39 2.40 18.83
N GLU C 123 18.97 2.75 19.98
CA GLU C 123 19.08 1.78 21.09
C GLU C 123 18.12 1.95 22.29
N PHE C 124 17.66 0.83 22.85
CA PHE C 124 16.83 0.89 24.07
C PHE C 124 17.71 0.32 25.18
N ASP C 125 18.36 1.23 25.90
CA ASP C 125 19.49 0.91 26.78
C ASP C 125 19.16 0.81 28.28
N THR C 126 19.19 -0.42 28.80
CA THR C 126 18.79 -0.65 30.19
C THR C 126 19.88 -0.74 31.28
N TYR C 127 21.16 -0.58 30.93
CA TYR C 127 22.21 -0.68 31.93
C TYR C 127 23.29 0.35 31.66
N SER C 128 23.66 1.14 32.67
CA SER C 128 24.61 2.22 32.46
C SER C 128 26.06 1.76 32.38
N ASN C 129 26.74 2.05 31.28
CA ASN C 129 28.13 1.68 31.19
C ASN C 129 28.93 2.95 31.39
N ALA C 130 30.25 2.86 31.30
CA ALA C 130 31.07 4.03 31.58
C ALA C 130 30.74 5.15 30.60
N TRP C 131 30.28 4.77 29.41
CA TRP C 131 30.01 5.76 28.37
C TRP C 131 28.54 6.25 28.36
N ASP C 132 27.71 5.71 29.27
CA ASP C 132 26.30 6.09 29.30
C ASP C 132 25.97 7.18 30.33
N PRO C 133 24.77 7.74 30.18
CA PRO C 133 24.25 8.67 31.18
C PRO C 133 23.86 7.77 32.30
N ASN C 134 23.72 8.36 33.47
CA ASN C 134 23.38 7.54 34.57
C ASN C 134 21.91 7.20 34.69
N TYR C 135 21.22 6.89 33.59
CA TYR C 135 19.80 6.50 33.68
C TYR C 135 19.33 5.73 32.44
N THR C 136 18.25 4.96 32.57
CA THR C 136 17.71 4.24 31.42
C THR C 136 17.47 5.19 30.26
N HIS C 137 17.90 4.82 29.05
CA HIS C 137 17.76 5.74 27.93
C HIS C 137 17.53 5.13 26.54
N ILE C 138 17.15 6.02 25.63
CA ILE C 138 17.00 5.71 24.22
C ILE C 138 18.06 6.58 23.61
N GLY C 139 18.94 6.00 22.79
CA GLY C 139 19.95 6.79 22.10
C GLY C 139 20.08 6.50 20.61
N ILE C 140 20.60 7.47 19.86
CA ILE C 140 20.85 7.29 18.44
C ILE C 140 22.34 7.04 18.33
N ASP C 141 22.74 5.94 17.72
CA ASP C 141 24.15 5.61 17.63
C ASP C 141 24.64 5.72 16.18
N THR C 142 25.64 6.55 15.94
CA THR C 142 26.19 6.70 14.60
C THR C 142 27.65 6.28 14.56
N ASN C 143 27.93 5.04 14.17
CA ASN C 143 29.29 4.53 14.12
C ASN C 143 29.94 4.39 15.49
N GLY C 144 29.13 4.17 16.53
CA GLY C 144 29.65 3.97 17.86
C GLY C 144 28.59 3.77 18.93
N ILE C 145 28.99 3.13 20.04
CA ILE C 145 28.14 2.86 21.17
C ILE C 145 27.90 4.11 22.02
N GLU C 146 28.84 5.05 21.97
CA GLU C 146 28.63 6.29 22.70
C GLU C 146 27.61 7.07 21.88
N SER C 147 26.36 7.13 22.33
CA SER C 147 25.29 7.74 21.53
C SER C 147 25.60 9.18 21.19
N LYS C 148 25.08 9.66 20.08
CA LYS C 148 25.28 11.04 19.70
C LYS C 148 24.13 11.93 20.24
N LYS C 149 23.08 11.29 20.77
CA LYS C 149 21.95 11.98 21.39
C LYS C 149 21.15 10.92 22.13
N THR C 150 20.68 11.27 23.32
CA THR C 150 19.86 10.38 24.15
C THR C 150 18.79 11.19 24.89
N THR C 151 17.75 10.49 25.33
CA THR C 151 16.72 11.01 26.22
C THR C 151 16.39 9.86 27.21
N PRO C 152 15.99 10.23 28.42
CA PRO C 152 15.62 9.24 29.44
C PRO C 152 14.28 8.66 29.10
N PHE C 153 14.00 7.47 29.60
CA PHE C 153 12.70 6.85 29.53
C PHE C 153 12.68 5.80 30.67
N ASP C 154 11.51 5.34 31.07
CA ASP C 154 11.42 4.34 32.12
C ASP C 154 10.76 3.10 31.55
N MET C 155 11.46 1.99 31.62
CA MET C 155 10.88 0.78 31.07
C MET C 155 9.66 0.37 31.85
N VAL C 156 8.79 -0.42 31.22
CA VAL C 156 7.70 -1.08 31.91
C VAL C 156 7.80 -2.57 31.57
N TYR C 157 8.41 -3.34 32.46
CA TYR C 157 8.62 -4.76 32.24
C TYR C 157 7.28 -5.45 32.14
N GLY C 158 7.16 -6.43 31.26
CA GLY C 158 5.92 -7.15 31.16
C GLY C 158 4.85 -6.40 30.38
N GLU C 159 5.21 -5.32 29.68
CA GLU C 159 4.24 -4.61 28.84
C GLU C 159 4.73 -4.42 27.39
N LYS C 160 3.86 -4.78 26.44
CA LYS C 160 4.19 -4.64 25.04
C LYS C 160 4.43 -3.18 24.74
N ALA C 161 5.51 -2.89 24.03
CA ALA C 161 5.83 -1.51 23.71
C ALA C 161 5.68 -1.30 22.21
N ASN C 162 5.28 -0.10 21.81
CA ASN C 162 5.16 0.23 20.38
C ASN C 162 6.18 1.24 20.02
N ILE C 163 6.91 0.96 18.96
CA ILE C 163 7.98 1.82 18.50
C ILE C 163 7.74 2.16 17.05
N VAL C 164 8.04 3.39 16.71
CA VAL C 164 7.93 3.82 15.33
C VAL C 164 9.17 4.62 14.97
N ILE C 165 9.81 4.26 13.87
CA ILE C 165 10.98 5.03 13.43
C ILE C 165 10.77 5.54 11.98
N THR C 166 10.79 6.86 11.78
CA THR C 166 10.70 7.42 10.44
C THR C 166 11.93 8.25 10.01
N TYR C 167 12.28 8.13 8.72
CA TYR C 167 13.37 8.87 8.09
C TYR C 167 12.79 9.64 6.91
N GLN C 168 12.95 10.96 6.95
CA GLN C 168 12.42 11.82 5.90
C GLN C 168 13.57 12.34 5.03
N ALA C 169 13.62 11.87 3.79
CA ALA C 169 14.72 12.21 2.91
C ALA C 169 14.95 13.70 2.75
N SER C 170 13.88 14.46 2.61
CA SER C 170 14.05 15.86 2.28
C SER C 170 14.65 16.70 3.39
N THR C 171 14.50 16.27 4.64
CA THR C 171 15.09 17.06 5.70
C THR C 171 16.19 16.33 6.43
N LYS C 172 16.43 15.09 6.03
CA LYS C 172 17.42 14.24 6.71
C LYS C 172 17.14 14.05 8.22
N ALA C 173 15.86 14.09 8.57
CA ALA C 173 15.44 13.92 9.95
C ALA C 173 15.25 12.43 10.27
N LEU C 174 15.93 11.93 11.29
CA LEU C 174 15.69 10.56 11.80
C LEU C 174 14.88 10.76 13.06
N ALA C 175 13.77 10.08 13.18
CA ALA C 175 12.95 10.32 14.35
C ALA C 175 12.45 9.00 14.94
N ALA C 176 12.45 8.91 16.27
CA ALA C 176 11.93 7.71 16.94
C ALA C 176 10.89 8.04 18.02
N SER C 177 9.86 7.21 18.15
CA SER C 177 8.90 7.41 19.22
C SER C 177 8.67 6.07 19.87
N LEU C 178 8.37 6.05 21.18
CA LEU C 178 8.10 4.82 21.92
C LEU C 178 6.88 4.97 22.80
N VAL C 179 5.90 4.07 22.71
CA VAL C 179 4.73 4.21 23.60
C VAL C 179 4.34 2.96 24.38
N PHE C 180 3.98 3.14 25.65
CA PHE C 180 3.42 2.06 26.46
C PHE C 180 1.91 2.29 26.47
N PRO C 181 1.21 1.56 25.63
CA PRO C 181 -0.20 1.86 25.35
C PRO C 181 -1.04 1.66 26.58
N VAL C 182 -0.68 0.69 27.41
CA VAL C 182 -1.53 0.39 28.54
C VAL C 182 -1.27 1.34 29.71
N SER C 183 0.00 1.67 29.94
CA SER C 183 0.39 2.62 30.97
C SER C 183 0.29 4.05 30.50
N GLN C 184 0.09 4.23 29.19
CA GLN C 184 -0.13 5.55 28.60
C GLN C 184 1.05 6.52 28.66
N THR C 185 2.27 6.03 28.52
CA THR C 185 3.41 6.93 28.50
C THR C 185 4.14 6.87 27.16
N SER C 186 4.63 8.00 26.68
CA SER C 186 5.33 8.01 25.42
C SER C 186 6.55 8.92 25.46
N TYR C 187 7.56 8.60 24.65
CA TYR C 187 8.82 9.34 24.58
C TYR C 187 9.26 9.51 23.13
N ALA C 188 9.89 10.64 22.80
CA ALA C 188 10.29 10.93 21.41
C ALA C 188 11.64 11.61 21.29
N VAL C 189 12.37 11.28 20.23
CA VAL C 189 13.65 11.93 19.94
C VAL C 189 13.81 12.10 18.45
N SER C 190 14.67 13.02 18.06
CA SER C 190 14.87 13.27 16.65
C SER C 190 16.27 13.79 16.38
N ALA C 191 16.89 13.39 15.28
CA ALA C 191 18.22 13.95 14.98
C ALA C 191 18.28 14.13 13.51
N ARG C 192 19.20 14.96 13.09
CA ARG C 192 19.43 15.17 11.68
C ARG C 192 20.74 14.49 11.28
N VAL C 193 20.69 13.60 10.29
CA VAL C 193 21.87 12.88 9.85
C VAL C 193 21.74 12.51 8.40
N ASP C 194 22.82 12.72 7.66
CA ASP C 194 22.81 12.43 6.24
C ASP C 194 23.39 11.09 5.93
N LEU C 195 22.53 10.10 5.79
CA LEU C 195 22.92 8.72 5.51
C LEU C 195 23.90 8.54 4.36
N ARG C 196 23.80 9.38 3.34
CA ARG C 196 24.73 9.30 2.21
C ARG C 196 26.19 9.30 2.66
N ASP C 197 26.45 10.00 3.77
CA ASP C 197 27.79 10.11 4.34
C ASP C 197 28.15 8.91 5.24
N ILE C 198 27.17 8.14 5.70
CA ILE C 198 27.41 7.09 6.66
C ILE C 198 27.29 5.67 6.12
N LEU C 199 26.31 5.42 5.26
CA LEU C 199 26.03 4.08 4.79
C LEU C 199 26.34 3.84 3.32
N PRO C 200 26.55 2.58 2.97
CA PRO C 200 26.63 2.20 1.57
C PRO C 200 25.22 2.25 0.95
N GLU C 201 25.12 2.33 -0.36
CA GLU C 201 23.83 2.32 -1.04
C GLU C 201 22.82 1.26 -0.54
N TYR C 202 23.32 0.05 -0.35
CA TYR C 202 22.48 -1.04 0.09
C TYR C 202 22.83 -1.49 1.50
N VAL C 203 21.83 -1.59 2.35
CA VAL C 203 22.02 -2.09 3.71
C VAL C 203 21.03 -3.20 4.04
N ARG C 204 21.29 -3.91 5.12
CA ARG C 204 20.33 -4.87 5.63
C ARG C 204 19.83 -4.26 6.92
N VAL C 205 18.64 -4.66 7.36
CA VAL C 205 18.06 -4.03 8.54
C VAL C 205 17.55 -5.01 9.56
N GLY C 206 17.44 -4.57 10.80
CA GLY C 206 16.95 -5.46 11.86
C GLY C 206 17.28 -5.15 13.31
N PHE C 207 17.28 -6.19 14.12
CA PHE C 207 17.50 -6.03 15.54
C PHE C 207 18.70 -6.81 16.08
N SER C 208 19.26 -6.28 17.16
CA SER C 208 20.34 -6.91 17.92
C SER C 208 20.06 -6.71 19.44
N ALA C 209 20.39 -7.73 20.25
CA ALA C 209 20.17 -7.62 21.70
C ALA C 209 21.16 -8.45 22.55
N THR C 210 21.37 -8.03 23.80
CA THR C 210 22.27 -8.72 24.71
C THR C 210 21.75 -8.72 26.15
N THR C 211 22.08 -9.81 26.85
CA THR C 211 21.83 -9.90 28.30
C THR C 211 23.15 -9.67 29.03
N GLY C 212 23.07 -9.26 30.29
CA GLY C 212 24.25 -8.91 31.07
C GLY C 212 25.23 -10.04 31.28
N LEU C 213 26.46 -9.67 31.59
CA LEU C 213 27.52 -10.66 31.73
C LEU C 213 27.58 -11.44 33.07
N ASN C 214 26.81 -11.01 34.07
CA ASN C 214 26.84 -11.65 35.38
C ASN C 214 25.50 -12.30 35.75
N ALA C 215 25.55 -13.50 36.30
CA ALA C 215 24.31 -14.18 36.68
C ALA C 215 23.38 -13.23 37.42
N GLY C 216 22.10 -13.27 37.09
CA GLY C 216 21.09 -12.46 37.74
C GLY C 216 20.97 -10.98 37.37
N VAL C 217 21.53 -10.58 36.24
CA VAL C 217 21.48 -9.17 35.85
C VAL C 217 20.96 -9.17 34.43
N VAL C 218 19.69 -9.49 34.28
CA VAL C 218 19.26 -9.93 32.98
C VAL C 218 17.76 -9.70 32.66
N GLU C 219 17.38 -9.72 31.38
CA GLU C 219 15.99 -9.48 30.96
C GLU C 219 15.80 -10.15 29.61
N THR C 220 14.58 -10.48 29.23
CA THR C 220 14.33 -11.04 27.89
C THR C 220 14.27 -9.89 26.88
N HIS C 221 14.39 -10.23 25.61
CA HIS C 221 14.34 -9.25 24.55
C HIS C 221 13.49 -9.79 23.41
N ASP C 222 12.19 -9.82 23.63
CA ASP C 222 11.29 -10.37 22.64
C ASP C 222 10.71 -9.37 21.61
N ILE C 223 10.65 -9.78 20.34
CA ILE C 223 10.08 -8.96 19.30
C ILE C 223 8.82 -9.66 18.90
N VAL C 224 7.69 -8.96 18.96
CA VAL C 224 6.37 -9.54 18.73
C VAL C 224 5.79 -9.33 17.32
N SER C 225 6.08 -8.19 16.69
CA SER C 225 5.57 -7.91 15.36
C SER C 225 6.52 -6.91 14.73
N TRP C 226 6.42 -6.70 13.41
CA TRP C 226 7.36 -5.82 12.71
C TRP C 226 6.88 -5.50 11.32
N SER C 227 6.99 -4.24 10.91
CA SER C 227 6.71 -3.91 9.52
C SER C 227 7.62 -2.79 9.02
N PHE C 228 7.84 -2.75 7.71
CA PHE C 228 8.85 -1.86 7.11
C PHE C 228 8.46 -1.38 5.71
N ALA C 229 8.93 -0.18 5.35
CA ALA C 229 8.63 0.37 4.03
C ALA C 229 9.64 1.42 3.61
N VAL C 230 10.20 1.30 2.40
CA VAL C 230 11.15 2.26 1.87
C VAL C 230 10.75 2.82 0.53
N SER C 231 11.19 4.04 0.26
CA SER C 231 10.86 4.69 -0.99
C SER C 231 12.02 5.50 -1.45
N LEU C 232 12.53 5.12 -2.60
CA LEU C 232 13.62 5.85 -3.19
C LEU C 232 13.06 6.49 -4.47
N ALA C 233 12.53 7.70 -4.35
CA ALA C 233 11.92 8.35 -5.49
C ALA C 233 12.97 9.17 -6.25
N THR D 1 -0.24 -13.24 10.13
CA THR D 1 -0.20 -12.64 8.76
C THR D 1 1.21 -12.21 8.36
N GLU D 2 1.53 -12.38 7.09
CA GLU D 2 2.79 -11.86 6.56
C GLU D 2 2.54 -11.29 5.15
N SER D 3 3.34 -10.28 4.82
CA SER D 3 3.30 -9.55 3.58
C SER D 3 4.66 -9.43 2.99
N THR D 4 4.71 -9.28 1.68
CA THR D 4 5.97 -9.03 1.02
C THR D 4 5.68 -8.26 -0.20
N SER D 5 6.40 -7.17 -0.38
CA SER D 5 6.25 -6.41 -1.61
C SER D 5 7.50 -5.60 -2.03
N PHE D 6 7.58 -5.30 -3.33
CA PHE D 6 8.66 -4.45 -3.87
C PHE D 6 8.28 -3.96 -5.27
N SER D 7 8.86 -2.83 -5.71
CA SER D 7 8.62 -2.42 -7.09
C SER D 7 9.85 -1.79 -7.68
N PHE D 8 10.04 -1.99 -8.97
CA PHE D 8 11.17 -1.38 -9.66
C PHE D 8 10.68 -0.70 -10.91
N THR D 9 10.88 0.60 -10.98
CA THR D 9 10.56 1.41 -12.15
C THR D 9 11.78 1.45 -13.10
N ASN D 10 12.96 1.11 -12.59
CA ASN D 10 14.16 0.95 -13.40
C ASN D 10 15.24 0.26 -12.56
N PHE D 11 16.30 -0.27 -13.16
CA PHE D 11 17.31 -0.97 -12.36
C PHE D 11 18.65 -0.30 -12.34
N ASN D 12 19.59 -0.83 -11.57
CA ASN D 12 20.95 -0.30 -11.51
C ASN D 12 21.89 -1.45 -11.76
N PRO D 13 23.04 -1.19 -12.38
CA PRO D 13 24.00 -2.27 -12.70
C PRO D 13 24.52 -3.01 -11.46
N ASN D 14 24.40 -2.38 -10.28
CA ASN D 14 24.83 -2.99 -9.02
C ASN D 14 23.64 -3.23 -8.10
N GLN D 15 22.60 -3.85 -8.64
CA GLN D 15 21.38 -4.09 -7.86
C GLN D 15 21.57 -5.20 -6.82
N ASN D 16 22.10 -4.85 -5.65
CA ASN D 16 22.36 -5.84 -4.61
C ASN D 16 21.14 -6.66 -4.10
N ASN D 17 19.91 -6.22 -4.38
CA ASN D 17 18.73 -6.95 -3.92
C ASN D 17 18.10 -7.85 -4.96
N LEU D 18 18.83 -8.07 -6.05
CA LEU D 18 18.46 -9.05 -7.07
C LEU D 18 19.56 -10.08 -7.11
N ILE D 19 19.26 -11.28 -7.55
CA ILE D 19 20.28 -12.28 -7.73
C ILE D 19 20.43 -12.55 -9.23
N LEU D 20 21.55 -12.09 -9.78
CA LEU D 20 21.79 -12.26 -11.19
C LEU D 20 22.45 -13.61 -11.43
N GLN D 21 21.93 -14.38 -12.39
CA GLN D 21 22.51 -15.68 -12.68
C GLN D 21 22.98 -15.81 -14.15
N GLU D 22 24.13 -16.45 -14.33
CA GLU D 22 24.78 -16.62 -15.64
C GLU D 22 24.91 -15.29 -16.38
N ASP D 23 24.22 -15.15 -17.51
CA ASP D 23 24.38 -13.99 -18.38
C ASP D 23 23.68 -12.70 -17.94
N ALA D 24 22.64 -12.81 -17.13
CA ALA D 24 21.86 -11.60 -16.75
C ALA D 24 22.72 -10.40 -16.32
N LEU D 25 22.32 -9.22 -16.75
CA LEU D 25 23.09 -8.05 -16.45
C LEU D 25 22.23 -6.81 -16.65
N VAL D 26 22.57 -5.71 -15.99
CA VAL D 26 21.79 -4.49 -16.08
C VAL D 26 22.59 -3.41 -16.79
N ASN D 27 21.97 -2.80 -17.81
CA ASN D 27 22.47 -1.68 -18.64
C ASN D 27 22.80 -0.47 -17.84
N SER D 28 23.59 0.42 -18.45
CA SER D 28 23.85 1.76 -17.92
C SER D 28 22.56 2.53 -18.02
N ALA D 29 21.66 2.13 -18.90
CA ALA D 29 20.35 2.76 -19.01
C ALA D 29 19.27 2.18 -18.05
N GLY D 30 19.65 1.25 -17.18
CA GLY D 30 18.71 0.64 -16.23
C GLY D 30 17.73 -0.37 -16.79
N THR D 31 18.14 -1.09 -17.81
CA THR D 31 17.28 -2.08 -18.43
C THR D 31 17.87 -3.47 -18.15
N LEU D 32 17.08 -4.37 -17.55
CA LEU D 32 17.54 -5.71 -17.22
C LEU D 32 17.73 -6.55 -18.46
N GLU D 33 18.96 -6.91 -18.79
CA GLU D 33 19.19 -7.70 -19.98
C GLU D 33 19.43 -9.13 -19.59
N LEU D 34 18.38 -9.94 -19.70
CA LEU D 34 18.42 -11.34 -19.32
C LEU D 34 19.35 -12.19 -20.18
N THR D 35 19.30 -11.99 -21.49
CA THR D 35 20.19 -12.66 -22.42
C THR D 35 21.17 -11.63 -23.01
N ALA D 36 22.36 -12.10 -23.39
CA ALA D 36 23.43 -11.22 -23.83
C ALA D 36 23.15 -10.39 -25.08
N VAL D 37 23.62 -9.16 -25.06
CA VAL D 37 23.53 -8.28 -26.21
C VAL D 37 24.91 -7.70 -26.56
N ALA D 38 25.41 -8.00 -27.77
CA ALA D 38 26.76 -7.58 -28.18
C ALA D 38 26.89 -6.11 -28.63
N ALA D 39 26.49 -5.80 -29.85
CA ALA D 39 26.65 -4.41 -30.25
C ALA D 39 25.31 -3.71 -30.37
N GLY D 40 24.27 -4.51 -30.51
CA GLY D 40 22.89 -4.01 -30.63
C GLY D 40 22.09 -5.25 -31.01
N ALA D 41 22.83 -6.33 -31.16
CA ALA D 41 22.31 -7.62 -31.59
C ALA D 41 22.37 -8.67 -30.48
N PRO D 42 21.38 -9.54 -30.45
CA PRO D 42 21.32 -10.57 -29.44
C PRO D 42 22.29 -11.66 -29.83
N VAL D 43 22.89 -12.34 -28.86
CA VAL D 43 23.80 -13.46 -29.11
C VAL D 43 23.15 -14.85 -28.90
N PRO D 44 23.58 -15.83 -29.67
CA PRO D 44 23.07 -17.18 -29.53
C PRO D 44 23.66 -17.88 -28.31
N ASP D 45 23.10 -19.02 -27.96
CA ASP D 45 23.63 -19.83 -26.88
C ASP D 45 23.50 -19.10 -25.54
N SER D 46 22.73 -18.03 -25.50
CA SER D 46 22.62 -17.24 -24.28
C SER D 46 21.56 -17.74 -23.31
N LEU D 47 21.92 -17.69 -22.03
CA LEU D 47 21.10 -18.10 -20.91
C LEU D 47 21.33 -17.09 -19.80
N GLY D 48 20.23 -16.65 -19.18
CA GLY D 48 20.31 -15.72 -18.07
C GLY D 48 19.05 -15.66 -17.22
N ARG D 49 19.22 -15.66 -15.89
CA ARG D 49 18.11 -15.61 -14.92
C ARG D 49 18.31 -14.52 -13.86
N ALA D 50 17.21 -13.94 -13.36
CA ALA D 50 17.28 -12.94 -12.28
C ALA D 50 16.18 -13.15 -11.23
N LEU D 51 16.55 -13.06 -9.93
CA LEU D 51 15.60 -13.28 -8.83
C LEU D 51 15.62 -12.23 -7.71
N TYR D 52 14.48 -12.01 -7.06
CA TYR D 52 14.48 -11.08 -5.94
C TYR D 52 15.22 -11.77 -4.75
N ALA D 53 16.00 -11.01 -4.00
CA ALA D 53 16.81 -11.66 -2.97
C ALA D 53 16.06 -12.39 -1.84
N ALA D 54 14.94 -11.85 -1.38
CA ALA D 54 14.31 -12.45 -0.23
C ALA D 54 13.34 -13.49 -0.65
N PRO D 55 13.38 -14.65 -0.01
CA PRO D 55 12.39 -15.71 -0.26
C PRO D 55 11.02 -15.20 0.12
N ILE D 56 9.96 -15.75 -0.45
CA ILE D 56 8.63 -15.30 -0.03
C ILE D 56 7.77 -16.45 0.51
N HIS D 57 6.95 -16.14 1.51
CA HIS D 57 6.15 -17.17 2.17
C HIS D 57 4.83 -17.35 1.40
N ILE D 58 4.75 -18.42 0.63
CA ILE D 58 3.61 -18.61 -0.26
C ILE D 58 2.52 -19.57 0.23
N HIS D 59 2.85 -20.42 1.18
CA HIS D 59 1.85 -21.26 1.84
C HIS D 59 2.52 -21.78 3.10
N ASP D 60 1.72 -22.18 4.09
CA ASP D 60 2.30 -22.69 5.32
C ASP D 60 1.74 -24.07 5.68
N ASN D 61 1.56 -24.92 4.67
CA ASN D 61 0.97 -26.25 4.87
C ASN D 61 -0.57 -26.22 4.83
N THR D 62 -1.23 -25.29 5.56
CA THR D 62 -2.71 -25.26 5.50
C THR D 62 -3.33 -24.10 4.74
N THR D 63 -2.61 -22.99 4.64
CA THR D 63 -3.16 -21.80 4.00
C THR D 63 -2.29 -21.34 2.86
N LEU D 64 -2.93 -20.87 1.78
CA LEU D 64 -2.19 -20.32 0.65
C LEU D 64 -2.08 -18.81 0.77
N ALA D 65 -1.03 -18.24 0.20
CA ALA D 65 -0.94 -16.79 0.14
C ALA D 65 -1.59 -16.40 -1.15
N SER D 66 -2.00 -15.14 -1.27
CA SER D 66 -2.45 -14.62 -2.55
C SER D 66 -1.35 -13.71 -3.03
N PHE D 67 -1.15 -13.63 -4.34
CA PHE D 67 -0.11 -12.71 -4.84
C PHE D 67 -0.45 -12.04 -6.14
N THR D 68 0.24 -10.96 -6.43
CA THR D 68 0.02 -10.22 -7.66
C THR D 68 1.36 -9.70 -8.13
N THR D 69 1.61 -9.79 -9.42
CA THR D 69 2.87 -9.26 -9.92
C THR D 69 2.65 -8.62 -11.28
N SER D 70 3.31 -7.49 -11.52
CA SER D 70 3.25 -6.78 -12.80
C SER D 70 4.63 -6.52 -13.37
N PHE D 71 4.81 -6.75 -14.67
CA PHE D 71 6.07 -6.42 -15.29
C PHE D 71 5.90 -6.12 -16.76
N SER D 72 6.89 -5.39 -17.28
CA SER D 72 6.95 -5.00 -18.68
C SER D 72 8.25 -5.45 -19.30
N PHE D 73 8.18 -6.00 -20.51
CA PHE D 73 9.37 -6.42 -21.22
C PHE D 73 9.39 -5.97 -22.70
N VAL D 74 10.55 -6.07 -23.34
CA VAL D 74 10.68 -5.82 -24.75
C VAL D 74 11.54 -6.87 -25.40
N MET D 75 11.14 -7.34 -26.57
CA MET D 75 11.97 -8.24 -27.36
C MET D 75 12.33 -7.54 -28.68
N ALA D 76 13.62 -7.47 -29.01
CA ALA D 76 14.09 -6.90 -30.29
C ALA D 76 14.72 -7.99 -31.15
N ALA D 77 14.37 -8.02 -32.43
CA ALA D 77 14.86 -9.06 -33.33
C ALA D 77 15.33 -8.52 -34.66
N PRO D 78 16.56 -8.84 -35.05
CA PRO D 78 17.09 -8.45 -36.37
C PRO D 78 16.16 -8.89 -37.51
N ALA D 79 15.67 -10.14 -37.45
CA ALA D 79 14.67 -10.64 -38.40
C ALA D 79 13.58 -11.35 -37.61
N ALA D 80 12.36 -10.84 -37.69
CA ALA D 80 11.23 -11.34 -36.92
C ALA D 80 10.86 -12.74 -37.40
N ALA D 81 11.55 -13.21 -38.42
CA ALA D 81 11.17 -14.49 -38.93
C ALA D 81 11.87 -15.58 -38.19
N ALA D 82 13.08 -15.35 -37.70
CA ALA D 82 13.80 -16.44 -37.05
C ALA D 82 14.26 -16.02 -35.69
N VAL D 83 13.55 -16.53 -34.68
CA VAL D 83 13.71 -16.09 -33.31
C VAL D 83 13.63 -17.24 -32.32
N ALA D 84 14.24 -17.07 -31.15
CA ALA D 84 14.21 -18.10 -30.10
C ALA D 84 14.86 -17.50 -28.87
N ASP D 85 14.58 -18.02 -27.67
CA ASP D 85 13.61 -19.09 -27.44
C ASP D 85 12.38 -18.57 -26.63
N GLY D 86 12.57 -17.48 -25.89
CA GLY D 86 11.50 -16.88 -25.11
C GLY D 86 11.88 -16.49 -23.70
N LEU D 87 10.90 -16.08 -22.90
CA LEU D 87 11.15 -15.76 -21.51
C LEU D 87 10.03 -16.26 -20.60
N ALA D 88 10.38 -16.56 -19.36
CA ALA D 88 9.37 -17.05 -18.42
C ALA D 88 9.49 -16.41 -17.07
N PHE D 89 8.36 -16.24 -16.41
CA PHE D 89 8.34 -15.78 -15.03
C PHE D 89 8.11 -17.08 -14.26
N PHE D 90 8.73 -17.21 -13.08
CA PHE D 90 8.59 -18.47 -12.36
C PHE D 90 8.79 -18.38 -10.85
N LEU D 91 8.23 -19.37 -10.15
CA LEU D 91 8.44 -19.56 -8.72
C LEU D 91 9.19 -20.88 -8.57
N ALA D 92 10.10 -20.95 -7.60
CA ALA D 92 10.94 -22.13 -7.39
C ALA D 92 11.59 -22.07 -6.01
N PRO D 93 12.17 -23.17 -5.57
CA PRO D 93 12.85 -23.26 -4.25
C PRO D 93 13.99 -22.26 -4.09
N PRO D 94 14.13 -21.67 -2.91
CA PRO D 94 15.12 -20.61 -2.71
C PRO D 94 16.51 -20.87 -3.32
N ASP D 95 16.98 -22.11 -3.35
CA ASP D 95 18.32 -22.49 -3.83
C ASP D 95 18.41 -22.76 -5.34
N THR D 96 17.31 -22.56 -6.07
CA THR D 96 17.23 -22.82 -7.51
C THR D 96 18.42 -22.38 -8.38
N GLN D 97 18.97 -23.30 -9.17
CA GLN D 97 20.09 -22.95 -10.08
C GLN D 97 19.66 -23.09 -11.54
N PRO D 98 20.30 -22.39 -12.44
CA PRO D 98 19.95 -22.50 -13.85
C PRO D 98 20.15 -23.91 -14.38
N GLN D 99 19.23 -24.36 -15.23
CA GLN D 99 19.35 -25.66 -15.87
C GLN D 99 19.76 -25.52 -17.34
N ALA D 100 19.08 -26.23 -18.24
CA ALA D 100 19.58 -26.22 -19.63
C ALA D 100 19.15 -25.03 -20.45
N ARG D 101 20.00 -24.63 -21.38
CA ARG D 101 19.65 -23.50 -22.22
C ARG D 101 18.81 -23.91 -23.44
N GLY D 102 18.66 -23.01 -24.40
CA GLY D 102 17.86 -23.30 -25.56
C GLY D 102 16.37 -23.40 -25.24
N GLY D 103 15.75 -24.47 -25.75
CA GLY D 103 14.32 -24.69 -25.61
C GLY D 103 13.82 -24.96 -24.20
N PHE D 104 14.73 -25.34 -23.32
CA PHE D 104 14.32 -25.52 -21.93
C PHE D 104 14.32 -24.22 -21.11
N LEU D 105 14.69 -23.11 -21.74
CA LEU D 105 14.58 -21.79 -21.11
C LEU D 105 15.33 -21.59 -19.79
N GLY D 106 16.27 -22.48 -19.49
CA GLY D 106 17.02 -22.42 -18.25
C GLY D 106 16.21 -22.87 -17.03
N LEU D 107 15.14 -23.61 -17.26
CA LEU D 107 14.32 -24.03 -16.14
C LEU D 107 14.37 -25.52 -15.91
N PHE D 108 14.54 -26.29 -16.97
CA PHE D 108 14.52 -27.74 -16.81
C PHE D 108 15.74 -28.45 -17.40
N ALA D 109 15.89 -29.74 -17.09
CA ALA D 109 17.09 -30.46 -17.51
C ALA D 109 16.88 -31.20 -18.84
N ASP D 110 15.67 -31.68 -19.02
CA ASP D 110 15.29 -32.35 -20.24
C ASP D 110 13.77 -32.27 -20.29
N ARG D 111 13.13 -33.13 -21.06
CA ARG D 111 11.71 -32.91 -21.34
C ARG D 111 10.77 -33.71 -20.50
N ALA D 112 11.28 -34.38 -19.48
CA ALA D 112 10.38 -35.19 -18.68
C ALA D 112 9.71 -34.38 -17.59
N HIS D 113 8.53 -34.81 -17.17
CA HIS D 113 7.84 -34.21 -16.04
C HIS D 113 8.41 -34.83 -14.76
N ASP D 114 8.81 -33.99 -13.80
CA ASP D 114 9.39 -34.48 -12.56
C ASP D 114 8.98 -33.64 -11.34
N ALA D 115 8.18 -34.23 -10.45
CA ALA D 115 7.63 -33.53 -9.30
C ALA D 115 8.71 -32.86 -8.44
N SER D 116 9.97 -33.25 -8.61
CA SER D 116 11.03 -32.71 -7.77
C SER D 116 11.59 -31.39 -8.31
N TYR D 117 11.01 -30.87 -9.37
CA TYR D 117 11.49 -29.60 -9.88
C TYR D 117 10.91 -28.53 -9.00
N GLN D 118 9.72 -28.79 -8.46
CA GLN D 118 9.05 -27.83 -7.62
C GLN D 118 9.15 -26.46 -8.29
N THR D 119 8.79 -26.42 -9.56
CA THR D 119 8.88 -25.19 -10.27
C THR D 119 7.59 -24.95 -11.00
N VAL D 120 7.11 -23.71 -10.91
CA VAL D 120 5.90 -23.30 -11.63
C VAL D 120 6.26 -22.09 -12.47
N ALA D 121 5.87 -22.10 -13.73
CA ALA D 121 6.24 -20.97 -14.59
C ALA D 121 5.18 -20.54 -15.62
N VAL D 122 5.20 -19.26 -15.97
CA VAL D 122 4.30 -18.73 -16.99
C VAL D 122 5.22 -18.28 -18.08
N GLU D 123 5.12 -18.94 -19.23
CA GLU D 123 6.10 -18.71 -20.30
C GLU D 123 5.57 -18.02 -21.53
N PHE D 124 6.45 -17.21 -22.14
CA PHE D 124 6.21 -16.55 -23.42
C PHE D 124 7.18 -17.16 -24.42
N ASP D 125 6.70 -18.25 -25.02
CA ASP D 125 7.50 -19.16 -25.86
C ASP D 125 7.43 -18.77 -27.31
N THR D 126 8.59 -18.43 -27.86
CA THR D 126 8.70 -17.92 -29.22
C THR D 126 9.22 -18.90 -30.25
N TYR D 127 9.47 -20.17 -29.88
CA TYR D 127 9.96 -21.16 -30.85
C TYR D 127 9.35 -22.54 -30.58
N SER D 128 8.80 -23.15 -31.62
CA SER D 128 8.13 -24.41 -31.46
C SER D 128 9.09 -25.57 -31.41
N ASN D 129 9.25 -26.16 -30.24
CA ASN D 129 10.09 -27.33 -30.10
C ASN D 129 9.17 -28.50 -30.32
N ALA D 130 9.72 -29.69 -30.48
CA ALA D 130 8.90 -30.85 -30.75
C ALA D 130 7.76 -31.03 -29.75
N TRP D 131 7.89 -30.57 -28.51
CA TRP D 131 6.87 -30.75 -27.43
C TRP D 131 5.94 -29.55 -27.33
N ASP D 132 5.91 -28.74 -28.38
CA ASP D 132 5.12 -27.54 -28.43
C ASP D 132 4.10 -27.58 -29.56
N PRO D 133 3.05 -26.78 -29.41
CA PRO D 133 2.08 -26.54 -30.49
C PRO D 133 2.86 -25.86 -31.58
N ASN D 134 2.38 -25.90 -32.82
CA ASN D 134 3.13 -25.25 -33.91
C ASN D 134 3.13 -23.73 -33.90
N TYR D 135 2.70 -23.08 -32.84
CA TYR D 135 2.58 -21.63 -32.95
C TYR D 135 3.07 -20.91 -31.71
N THR D 136 3.65 -19.74 -31.90
CA THR D 136 4.02 -18.90 -30.78
C THR D 136 2.95 -18.99 -29.69
N HIS D 137 3.34 -19.05 -28.41
CA HIS D 137 2.30 -19.25 -27.39
C HIS D 137 2.62 -18.85 -25.96
N ILE D 138 1.59 -18.62 -25.17
CA ILE D 138 1.77 -18.42 -23.77
C ILE D 138 1.51 -19.78 -23.11
N GLY D 139 2.29 -20.12 -22.11
CA GLY D 139 2.09 -21.42 -21.49
C GLY D 139 2.29 -21.47 -19.99
N ILE D 140 1.60 -22.42 -19.38
CA ILE D 140 1.69 -22.64 -17.95
C ILE D 140 2.42 -23.96 -17.62
N ASP D 141 3.64 -23.82 -17.13
CA ASP D 141 4.48 -24.98 -16.87
C ASP D 141 4.46 -25.47 -15.42
N THR D 142 3.94 -26.67 -15.18
CA THR D 142 3.96 -27.20 -13.83
C THR D 142 4.97 -28.33 -13.76
N ASN D 143 6.15 -28.06 -13.22
CA ASN D 143 7.20 -29.07 -13.08
C ASN D 143 7.66 -29.68 -14.40
N GLY D 144 7.62 -28.94 -15.50
CA GLY D 144 8.07 -29.53 -16.74
C GLY D 144 7.93 -28.57 -17.87
N ILE D 145 8.72 -28.78 -18.92
CA ILE D 145 8.73 -27.87 -20.04
C ILE D 145 7.48 -28.01 -20.94
N GLU D 146 6.87 -29.18 -20.92
CA GLU D 146 5.71 -29.43 -21.75
C GLU D 146 4.46 -28.90 -21.05
N SER D 147 4.09 -27.66 -21.39
CA SER D 147 3.00 -26.91 -20.73
C SER D 147 1.78 -27.71 -20.42
N LYS D 148 1.17 -27.43 -19.27
CA LYS D 148 -0.08 -28.09 -18.86
C LYS D 148 -1.26 -27.42 -19.58
N LYS D 149 -1.06 -26.20 -20.05
CA LYS D 149 -2.10 -25.45 -20.75
C LYS D 149 -1.45 -24.33 -21.52
N THR D 150 -1.94 -24.06 -22.74
CA THR D 150 -1.41 -22.99 -23.59
C THR D 150 -2.49 -22.28 -24.37
N THR D 151 -2.23 -21.05 -24.80
CA THR D 151 -3.09 -20.37 -25.77
C THR D 151 -2.15 -19.70 -26.75
N PRO D 152 -2.54 -19.54 -28.01
CA PRO D 152 -1.68 -18.87 -28.99
C PRO D 152 -1.62 -17.35 -28.83
N PHE D 153 -0.55 -16.71 -29.28
CA PHE D 153 -0.50 -15.25 -29.33
C PHE D 153 0.54 -14.85 -30.36
N ASP D 154 0.49 -13.61 -30.81
CA ASP D 154 1.47 -13.12 -31.77
C ASP D 154 2.33 -12.04 -31.11
N MET D 155 3.64 -12.20 -31.23
CA MET D 155 4.55 -11.25 -30.67
C MET D 155 4.64 -10.02 -31.55
N VAL D 156 4.70 -8.85 -30.92
CA VAL D 156 4.97 -7.62 -31.63
C VAL D 156 6.35 -7.24 -31.17
N TYR D 157 7.34 -7.25 -32.07
CA TYR D 157 8.69 -6.94 -31.63
C TYR D 157 8.82 -5.45 -31.54
N GLY D 158 9.64 -4.96 -30.63
CA GLY D 158 9.89 -3.54 -30.49
C GLY D 158 8.86 -2.78 -29.65
N GLU D 159 7.79 -3.46 -29.24
CA GLU D 159 6.79 -2.78 -28.42
C GLU D 159 6.85 -3.23 -26.97
N LYS D 160 6.82 -2.28 -26.04
CA LYS D 160 6.83 -2.61 -24.61
C LYS D 160 5.51 -3.33 -24.27
N ALA D 161 5.61 -4.54 -23.73
CA ALA D 161 4.41 -5.29 -23.35
C ALA D 161 4.16 -5.23 -21.86
N ASN D 162 2.89 -5.34 -21.46
CA ASN D 162 2.48 -5.34 -20.06
C ASN D 162 1.88 -6.66 -19.64
N ILE D 163 2.45 -7.25 -18.60
CA ILE D 163 2.01 -8.55 -18.10
C ILE D 163 1.49 -8.45 -16.70
N VAL D 164 0.43 -9.16 -16.40
CA VAL D 164 -0.10 -9.14 -15.05
C VAL D 164 -0.46 -10.57 -14.68
N ILE D 165 0.07 -11.08 -13.58
CA ILE D 165 -0.20 -12.46 -13.16
C ILE D 165 -0.73 -12.47 -11.73
N THR D 166 -1.94 -12.99 -11.54
CA THR D 166 -2.47 -13.07 -10.18
C THR D 166 -2.87 -14.45 -9.70
N TYR D 167 -2.57 -14.74 -8.44
CA TYR D 167 -3.00 -16.00 -7.86
C TYR D 167 -4.01 -15.71 -6.74
N GLN D 168 -5.22 -16.23 -6.86
CA GLN D 168 -6.22 -16.03 -5.82
C GLN D 168 -6.29 -17.27 -4.91
N ALA D 169 -6.01 -17.09 -3.63
CA ALA D 169 -5.96 -18.23 -2.69
C ALA D 169 -7.26 -19.00 -2.50
N SER D 170 -8.39 -18.30 -2.45
CA SER D 170 -9.64 -18.95 -2.11
C SER D 170 -10.17 -19.86 -3.22
N THR D 171 -9.89 -19.53 -4.46
CA THR D 171 -10.30 -20.39 -5.56
C THR D 171 -9.12 -21.16 -6.15
N LYS D 172 -7.93 -20.93 -5.62
CA LYS D 172 -6.72 -21.58 -6.14
C LYS D 172 -6.55 -21.41 -7.69
N ALA D 173 -6.84 -20.22 -8.17
CA ALA D 173 -6.74 -19.90 -9.59
C ALA D 173 -5.51 -19.09 -9.91
N LEU D 174 -4.80 -19.49 -10.95
CA LEU D 174 -3.63 -18.77 -11.40
C LEU D 174 -4.03 -18.15 -12.71
N ALA D 175 -3.85 -16.84 -12.84
CA ALA D 175 -4.28 -16.17 -14.06
C ALA D 175 -3.21 -15.25 -14.65
N ALA D 176 -3.10 -15.23 -15.97
CA ALA D 176 -2.16 -14.34 -16.64
C ALA D 176 -2.84 -13.56 -17.76
N SER D 177 -2.47 -12.31 -17.91
CA SER D 177 -2.95 -11.59 -19.06
C SER D 177 -1.75 -10.81 -19.62
N LEU D 178 -1.77 -10.63 -20.94
CA LEU D 178 -0.73 -9.89 -21.63
C LEU D 178 -1.42 -8.89 -22.55
N VAL D 179 -0.90 -7.66 -22.55
CA VAL D 179 -1.40 -6.63 -23.46
C VAL D 179 -0.28 -5.81 -24.08
N PHE D 180 -0.36 -5.61 -25.40
CA PHE D 180 0.54 -4.74 -26.14
C PHE D 180 -0.29 -3.47 -26.29
N PRO D 181 -0.01 -2.50 -25.44
CA PRO D 181 -0.88 -1.33 -25.31
C PRO D 181 -0.95 -0.41 -26.53
N VAL D 182 0.08 -0.38 -27.36
CA VAL D 182 0.05 0.53 -28.47
C VAL D 182 -0.62 -0.16 -29.65
N SER D 183 -0.32 -1.44 -29.83
CA SER D 183 -0.94 -2.20 -30.91
C SER D 183 -2.34 -2.58 -30.54
N GLN D 184 -2.65 -2.41 -29.25
CA GLN D 184 -4.01 -2.69 -28.75
C GLN D 184 -4.50 -4.12 -28.84
N THR D 185 -3.63 -5.11 -28.64
CA THR D 185 -4.12 -6.48 -28.66
C THR D 185 -3.85 -7.09 -27.28
N SER D 186 -4.64 -8.07 -26.86
CA SER D 186 -4.44 -8.66 -25.56
C SER D 186 -4.82 -10.12 -25.49
N TYR D 187 -4.12 -10.85 -24.63
CA TYR D 187 -4.33 -12.29 -24.42
C TYR D 187 -4.47 -12.64 -22.94
N ALA D 188 -5.05 -13.79 -22.64
CA ALA D 188 -5.33 -14.14 -21.25
C ALA D 188 -5.55 -15.63 -20.99
N VAL D 189 -4.96 -16.16 -19.92
CA VAL D 189 -5.16 -17.56 -19.57
C VAL D 189 -5.37 -17.71 -18.10
N SER D 190 -6.07 -18.77 -17.73
CA SER D 190 -6.28 -19.09 -16.33
C SER D 190 -6.33 -20.62 -16.16
N ALA D 191 -5.98 -21.13 -14.99
CA ALA D 191 -6.02 -22.57 -14.72
C ALA D 191 -6.00 -22.72 -13.22
N ARG D 192 -6.41 -23.90 -12.75
CA ARG D 192 -6.55 -24.14 -11.31
C ARG D 192 -5.46 -25.05 -10.75
N VAL D 193 -4.68 -24.57 -9.82
CA VAL D 193 -3.55 -25.34 -9.32
C VAL D 193 -3.25 -25.06 -7.84
N ASP D 194 -3.24 -26.12 -7.04
CA ASP D 194 -2.99 -25.98 -5.60
C ASP D 194 -1.48 -25.99 -5.34
N LEU D 195 -0.95 -24.85 -4.95
CA LEU D 195 0.48 -24.73 -4.76
C LEU D 195 1.04 -25.53 -3.59
N ARG D 196 0.19 -25.90 -2.64
CA ARG D 196 0.64 -26.66 -1.47
C ARG D 196 1.10 -28.06 -1.86
N ASP D 197 0.64 -28.54 -3.01
CA ASP D 197 1.03 -29.85 -3.51
C ASP D 197 2.30 -29.78 -4.34
N ILE D 198 2.69 -28.58 -4.75
CA ILE D 198 3.79 -28.41 -5.70
C ILE D 198 5.03 -27.73 -5.16
N LEU D 199 4.87 -26.56 -4.55
CA LEU D 199 6.00 -25.77 -4.06
C LEU D 199 6.26 -25.96 -2.57
N PRO D 200 7.49 -25.68 -2.12
CA PRO D 200 7.83 -25.71 -0.70
C PRO D 200 7.25 -24.48 -0.08
N GLU D 201 7.18 -24.37 1.23
CA GLU D 201 6.61 -23.19 1.89
C GLU D 201 7.18 -21.87 1.37
N TYR D 202 8.47 -21.86 1.11
CA TYR D 202 9.17 -20.62 0.75
C TYR D 202 9.82 -20.70 -0.63
N VAL D 203 9.70 -19.66 -1.42
CA VAL D 203 10.26 -19.72 -2.76
C VAL D 203 10.88 -18.40 -3.18
N ARG D 204 11.70 -18.45 -4.21
CA ARG D 204 12.16 -17.22 -4.81
C ARG D 204 11.39 -17.12 -6.10
N VAL D 205 11.22 -15.90 -6.58
CA VAL D 205 10.46 -15.63 -7.79
C VAL D 205 11.37 -14.84 -8.67
N GLY D 206 11.13 -14.86 -9.98
CA GLY D 206 11.95 -14.09 -10.88
C GLY D 206 11.69 -14.51 -12.30
N PHE D 207 12.56 -14.07 -13.22
CA PHE D 207 12.49 -14.37 -14.63
C PHE D 207 13.65 -15.19 -15.12
N SER D 208 13.45 -15.85 -16.26
CA SER D 208 14.50 -16.58 -16.92
C SER D 208 14.32 -16.51 -18.43
N ALA D 209 15.42 -16.60 -19.18
CA ALA D 209 15.33 -16.50 -20.64
C ALA D 209 16.60 -17.00 -21.33
N THR D 210 16.47 -17.33 -22.62
CA THR D 210 17.55 -17.87 -23.43
C THR D 210 17.36 -17.52 -24.90
N THR D 211 18.45 -17.54 -25.67
CA THR D 211 18.37 -17.31 -27.13
C THR D 211 18.53 -18.63 -27.87
N GLY D 212 18.41 -18.60 -29.18
CA GLY D 212 18.56 -19.79 -29.99
C GLY D 212 19.98 -20.34 -29.97
N LEU D 213 20.14 -21.64 -30.23
CA LEU D 213 21.47 -22.27 -30.23
C LEU D 213 22.21 -22.11 -31.56
N ASN D 214 21.51 -21.66 -32.60
CA ASN D 214 22.09 -21.46 -33.92
C ASN D 214 22.18 -19.98 -34.28
N ALA D 215 23.31 -19.60 -34.85
CA ALA D 215 23.48 -18.23 -35.27
C ALA D 215 22.22 -17.72 -35.97
N GLY D 216 21.84 -16.47 -35.67
CA GLY D 216 20.73 -15.86 -36.36
C GLY D 216 19.32 -16.22 -35.94
N VAL D 217 19.12 -17.21 -35.09
CA VAL D 217 17.74 -17.46 -34.66
C VAL D 217 17.63 -16.91 -33.25
N VAL D 218 17.47 -15.60 -33.18
CA VAL D 218 17.73 -14.93 -31.94
C VAL D 218 16.88 -13.68 -31.68
N GLU D 219 16.81 -13.23 -30.42
CA GLU D 219 15.99 -12.07 -30.05
C GLU D 219 16.46 -11.58 -28.69
N THR D 220 16.22 -10.34 -28.35
CA THR D 220 16.60 -9.89 -27.01
C THR D 220 15.52 -10.27 -25.99
N HIS D 221 15.80 -10.14 -24.69
CA HIS D 221 14.80 -10.40 -23.64
C HIS D 221 15.01 -9.36 -22.52
N ASP D 222 14.34 -8.23 -22.61
CA ASP D 222 14.64 -7.13 -21.71
C ASP D 222 13.55 -6.83 -20.69
N ILE D 223 13.83 -6.97 -19.41
CA ILE D 223 12.83 -6.60 -18.41
C ILE D 223 12.98 -5.13 -18.15
N VAL D 224 11.89 -4.39 -18.31
CA VAL D 224 11.94 -2.95 -18.15
C VAL D 224 11.42 -2.44 -16.83
N SER D 225 10.46 -3.15 -16.21
CA SER D 225 9.89 -2.72 -14.93
C SER D 225 9.29 -3.96 -14.31
N TRP D 226 9.01 -3.89 -12.99
CA TRP D 226 8.59 -5.06 -12.19
C TRP D 226 8.04 -4.70 -10.82
N SER D 227 6.86 -5.21 -10.50
CA SER D 227 6.36 -5.03 -9.13
C SER D 227 5.64 -6.31 -8.61
N PHE D 228 5.62 -6.51 -7.30
CA PHE D 228 5.12 -7.75 -6.71
C PHE D 228 4.55 -7.52 -5.32
N ALA D 229 3.52 -8.28 -4.95
CA ALA D 229 2.93 -8.26 -3.60
C ALA D 229 2.38 -9.65 -3.22
N VAL D 230 2.61 -10.10 -1.99
CA VAL D 230 2.00 -11.36 -1.55
C VAL D 230 1.42 -11.16 -0.20
N SER D 231 0.36 -11.88 0.08
CA SER D 231 -0.27 -11.77 1.35
C SER D 231 -0.67 -13.12 1.84
N LEU D 232 -0.17 -13.50 3.00
CA LEU D 232 -0.51 -14.77 3.59
C LEU D 232 -1.34 -14.55 4.82
N ALA D 233 -2.65 -14.69 4.70
CA ALA D 233 -3.54 -14.42 5.82
C ALA D 233 -3.82 -15.66 6.67
#